data_3IAI
#
_entry.id   3IAI
#
_cell.length_a   144.18
_cell.length_b   144.18
_cell.length_c   208.89
_cell.angle_alpha   90.00
_cell.angle_beta   90.00
_cell.angle_gamma   120.00
#
_symmetry.space_group_name_H-M   'P 61'
#
loop_
_entity.id
_entity.type
_entity.pdbx_description
1 polymer 'Carbonic anhydrase 9'
2 branched alpha-D-mannopyranose-(1-3)-[alpha-D-mannopyranose-(1-6)]beta-D-mannopyranose-(1-4)-2-acetamido-2-deoxy-beta-D-glucopyranose-(1-4)-2-acetamido-2-deoxy-beta-D-glucopyranose
3 non-polymer 'ZINC ION'
4 non-polymer 5-ACETAMIDO-1,3,4-THIADIAZOLE-2-SULFONAMIDE
5 non-polymer GLYCEROL
6 non-polymer 2-AMINO-2-HYDROXYMETHYL-PROPANE-1,3-DIOL
7 non-polymer 'PHOSPHATE ION'
8 water water
#
_entity_poly.entity_id   1
_entity_poly.type   'polypeptide(L)'
_entity_poly.pdbx_seq_one_letter_code
;GPDQSHWRYGGDPPWPRVSPACAGRFQSPVDIRPQLAAFSPALRPLELLGFQLPPLPELRLRNNGHSVQLTLPPGLEMAL
GPGREYRALQLHLHWGAAGRPGSEHTVEGHRFPAEIHVVHLSTAFARVDEALGRPGGLAVLAAFLEEGPEENSAYEQLLS
RLEEIAEEGSETQVPGLDISALLPSDFSRYFQYEGSLTTPPCAQGVIWTVFNQTVMLSAKQLHTLSDTLWGPGDSRLQLN
FRATQPLNGRVIEASFP
;
_entity_poly.pdbx_strand_id   A,B,C,D
#
# COMPACT_ATOMS: atom_id res chain seq x y z
N GLY A 1 30.32 -30.43 -3.34
CA GLY A 1 30.46 -31.36 -4.50
C GLY A 1 30.47 -30.60 -5.80
N PRO A 2 30.86 -31.25 -6.91
CA PRO A 2 30.89 -30.55 -8.20
C PRO A 2 29.49 -30.22 -8.73
N ASP A 3 29.39 -29.12 -9.46
CA ASP A 3 28.14 -28.70 -10.06
C ASP A 3 27.00 -28.63 -9.05
N GLN A 4 27.28 -28.05 -7.90
CA GLN A 4 26.31 -27.92 -6.81
C GLN A 4 25.04 -27.17 -7.24
N SER A 5 25.17 -26.30 -8.22
CA SER A 5 24.04 -25.50 -8.69
C SER A 5 23.02 -26.27 -9.53
N HIS A 6 23.37 -27.48 -9.96
CA HIS A 6 22.45 -28.26 -10.79
C HIS A 6 21.42 -29.12 -10.07
N TRP A 7 20.19 -29.07 -10.56
CA TRP A 7 19.09 -29.85 -10.01
C TRP A 7 17.98 -29.92 -11.05
N ARG A 8 17.01 -30.79 -10.83
CA ARG A 8 15.90 -30.93 -11.75
C ARG A 8 14.72 -31.57 -11.05
N TYR A 9 13.56 -31.55 -11.72
CA TYR A 9 12.37 -32.19 -11.20
C TYR A 9 12.38 -33.61 -11.74
N GLY A 10 11.86 -34.54 -10.95
CA GLY A 10 11.78 -35.93 -11.37
C GLY A 10 13.03 -36.77 -11.52
N GLY A 11 14.09 -36.47 -10.78
CA GLY A 11 15.29 -37.27 -10.89
C GLY A 11 16.51 -36.73 -10.18
N ASP A 12 17.57 -37.54 -10.13
N ASP A 12 17.57 -37.53 -10.15
CA ASP A 12 18.80 -37.14 -9.47
CA ASP A 12 18.82 -37.16 -9.50
C ASP A 12 19.33 -35.85 -10.06
C ASP A 12 19.34 -35.84 -10.07
N PRO A 13 20.14 -35.10 -9.29
CA PRO A 13 20.58 -35.42 -7.93
C PRO A 13 19.51 -35.26 -6.85
N PRO A 14 19.62 -36.04 -5.75
CA PRO A 14 18.63 -35.92 -4.66
C PRO A 14 18.75 -34.49 -4.16
N TRP A 15 17.62 -33.81 -3.96
CA TRP A 15 17.68 -32.43 -3.49
C TRP A 15 18.50 -32.21 -2.21
N PRO A 16 18.40 -33.15 -1.25
CA PRO A 16 19.19 -32.97 -0.02
C PRO A 16 20.70 -32.90 -0.29
N ARG A 17 21.13 -33.50 -1.40
CA ARG A 17 22.54 -33.48 -1.80
C ARG A 17 22.86 -32.11 -2.38
N VAL A 18 21.88 -31.50 -3.03
CA VAL A 18 22.06 -30.18 -3.61
C VAL A 18 22.10 -29.17 -2.47
N SER A 19 21.17 -29.32 -1.54
CA SER A 19 21.08 -28.42 -0.40
C SER A 19 20.44 -29.14 0.79
N PRO A 20 21.14 -29.21 1.93
CA PRO A 20 20.62 -29.88 3.12
C PRO A 20 19.24 -29.34 3.54
N ALA A 21 19.02 -28.05 3.32
CA ALA A 21 17.75 -27.43 3.70
C ALA A 21 16.55 -28.06 3.00
N CYS A 22 16.79 -28.76 1.89
CA CYS A 22 15.68 -29.39 1.19
C CYS A 22 15.10 -30.57 1.99
N ALA A 23 15.74 -30.88 3.11
CA ALA A 23 15.28 -31.96 3.98
C ALA A 23 14.85 -31.39 5.33
N GLY A 24 14.62 -30.07 5.39
CA GLY A 24 14.20 -29.45 6.62
C GLY A 24 12.80 -29.91 7.03
N ARG A 25 12.46 -29.71 8.29
CA ARG A 25 11.15 -30.12 8.79
C ARG A 25 9.99 -29.22 8.35
N PHE A 26 10.30 -27.97 8.01
CA PHE A 26 9.25 -27.03 7.62
C PHE A 26 9.40 -26.50 6.19
N GLN A 27 9.01 -27.33 5.23
CA GLN A 27 9.12 -27.00 3.82
C GLN A 27 7.82 -26.54 3.16
N SER A 28 7.95 -26.11 1.92
CA SER A 28 6.84 -25.67 1.10
C SER A 28 6.96 -26.47 -0.21
N PRO A 29 5.85 -26.64 -0.94
CA PRO A 29 4.52 -26.12 -0.65
C PRO A 29 3.77 -27.07 0.30
N VAL A 30 2.57 -26.67 0.70
CA VAL A 30 1.77 -27.47 1.60
C VAL A 30 0.34 -27.53 1.10
N ASP A 31 -0.43 -28.45 1.68
CA ASP A 31 -1.85 -28.58 1.35
C ASP A 31 -2.57 -27.67 2.33
N ILE A 32 -3.43 -26.81 1.82
CA ILE A 32 -4.18 -25.89 2.66
C ILE A 32 -5.59 -26.40 2.93
N ARG A 33 -5.91 -26.59 4.20
CA ARG A 33 -7.25 -27.03 4.58
C ARG A 33 -7.90 -25.81 5.24
N PRO A 34 -8.75 -25.10 4.48
CA PRO A 34 -9.46 -23.90 4.93
C PRO A 34 -10.08 -24.02 6.31
N GLN A 35 -10.70 -25.17 6.58
CA GLN A 35 -11.36 -25.44 7.85
C GLN A 35 -10.39 -25.38 9.03
N LEU A 36 -9.14 -25.75 8.79
CA LEU A 36 -8.15 -25.76 9.86
C LEU A 36 -7.27 -24.51 9.90
N ALA A 37 -7.56 -23.54 9.04
CA ALA A 37 -6.78 -22.31 9.00
C ALA A 37 -7.24 -21.42 10.15
N ALA A 38 -6.28 -20.78 10.81
CA ALA A 38 -6.60 -19.89 11.93
C ALA A 38 -6.94 -18.48 11.47
N PHE A 39 -8.17 -18.05 11.70
CA PHE A 39 -8.57 -16.70 11.32
C PHE A 39 -7.72 -15.76 12.16
N SER A 40 -6.97 -14.89 11.51
CA SER A 40 -6.10 -13.95 12.21
C SER A 40 -6.44 -12.54 11.75
N PRO A 41 -7.35 -11.86 12.48
CA PRO A 41 -7.77 -10.50 12.14
C PRO A 41 -6.65 -9.46 12.05
N ALA A 42 -5.43 -9.84 12.41
CA ALA A 42 -4.30 -8.90 12.33
C ALA A 42 -3.79 -8.82 10.89
N LEU A 43 -4.18 -9.79 10.07
CA LEU A 43 -3.75 -9.83 8.66
C LEU A 43 -4.52 -8.82 7.82
N ARG A 44 -3.88 -7.71 7.48
CA ARG A 44 -4.53 -6.65 6.71
C ARG A 44 -4.34 -6.86 5.20
N PRO A 45 -5.08 -6.10 4.38
CA PRO A 45 -4.97 -6.23 2.92
C PRO A 45 -3.53 -6.00 2.44
N LEU A 46 -3.10 -6.80 1.47
CA LEU A 46 -1.76 -6.66 0.92
C LEU A 46 -1.68 -5.34 0.16
N GLU A 47 -0.50 -4.72 0.19
CA GLU A 47 -0.31 -3.47 -0.53
C GLU A 47 0.78 -3.65 -1.57
N LEU A 48 0.44 -3.37 -2.82
CA LEU A 48 1.38 -3.49 -3.93
C LEU A 48 1.40 -2.20 -4.76
N LEU A 49 2.51 -1.46 -4.69
CA LEU A 49 2.63 -0.21 -5.44
C LEU A 49 3.79 -0.27 -6.42
N GLY A 50 3.67 0.47 -7.52
CA GLY A 50 4.72 0.48 -8.52
C GLY A 50 4.71 -0.71 -9.46
N PHE A 51 3.66 -1.52 -9.42
CA PHE A 51 3.54 -2.70 -10.27
C PHE A 51 3.06 -2.44 -11.70
N GLN A 52 2.53 -1.24 -11.94
CA GLN A 52 2.03 -0.90 -13.28
C GLN A 52 3.18 -0.31 -14.07
N LEU A 53 3.96 -1.16 -14.71
CA LEU A 53 5.10 -0.73 -15.49
C LEU A 53 4.75 -0.17 -16.86
N PRO A 54 5.51 0.84 -17.32
CA PRO A 54 5.27 1.46 -18.64
C PRO A 54 5.87 0.54 -19.73
N PRO A 55 5.54 0.80 -21.00
CA PRO A 55 6.06 0.00 -22.12
C PRO A 55 7.58 -0.18 -22.13
N LEU A 56 8.31 0.86 -21.74
CA LEU A 56 9.77 0.82 -21.69
C LEU A 56 10.24 1.25 -20.31
N PRO A 57 11.37 0.72 -19.83
CA PRO A 57 12.21 -0.27 -20.52
C PRO A 57 11.60 -1.66 -20.55
N GLU A 58 12.19 -2.53 -21.37
CA GLU A 58 11.73 -3.90 -21.50
C GLU A 58 12.20 -4.74 -20.32
N LEU A 59 11.63 -5.92 -20.16
CA LEU A 59 11.99 -6.83 -19.08
C LEU A 59 12.49 -8.15 -19.66
N ARG A 60 13.40 -8.80 -18.96
CA ARG A 60 13.91 -10.08 -19.44
C ARG A 60 13.00 -11.23 -19.04
N LEU A 61 12.69 -12.06 -20.01
CA LEU A 61 11.85 -13.25 -19.82
C LEU A 61 12.78 -14.39 -20.19
N ARG A 62 12.96 -15.33 -19.27
CA ARG A 62 13.89 -16.42 -19.52
C ARG A 62 13.40 -17.82 -19.19
N ASN A 63 13.82 -18.78 -20.01
CA ASN A 63 13.49 -20.18 -19.80
C ASN A 63 14.75 -20.71 -19.13
N ASN A 64 14.71 -20.90 -17.81
CA ASN A 64 15.88 -21.40 -17.09
C ASN A 64 15.85 -22.92 -16.95
N GLY A 65 14.90 -23.56 -17.62
CA GLY A 65 14.80 -25.00 -17.55
C GLY A 65 13.90 -25.52 -16.43
N HIS A 66 13.69 -24.68 -15.41
CA HIS A 66 12.85 -25.06 -14.28
C HIS A 66 11.51 -24.33 -14.35
N SER A 67 11.48 -23.25 -15.12
CA SER A 67 10.28 -22.45 -15.29
C SER A 67 10.60 -21.33 -16.27
N VAL A 68 9.64 -20.45 -16.50
CA VAL A 68 9.85 -19.28 -17.34
C VAL A 68 9.83 -18.19 -16.28
N GLN A 69 10.90 -17.41 -16.23
CA GLN A 69 11.04 -16.36 -15.23
C GLN A 69 11.15 -14.96 -15.81
N LEU A 70 10.39 -14.04 -15.23
CA LEU A 70 10.38 -12.64 -15.64
C LEU A 70 11.12 -11.81 -14.60
N THR A 71 12.18 -11.14 -15.01
CA THR A 71 12.97 -10.30 -14.11
C THR A 71 12.27 -8.97 -13.90
N LEU A 72 11.98 -8.64 -12.65
CA LEU A 72 11.30 -7.40 -12.31
C LEU A 72 12.30 -6.31 -11.93
N PRO A 73 12.02 -5.06 -12.30
CA PRO A 73 12.92 -3.94 -11.99
C PRO A 73 12.70 -3.39 -10.59
N PRO A 74 13.60 -2.49 -10.15
CA PRO A 74 13.46 -1.89 -8.81
C PRO A 74 12.18 -1.06 -8.85
N GLY A 75 11.58 -0.80 -7.69
CA GLY A 75 10.38 0.02 -7.66
C GLY A 75 9.07 -0.66 -7.32
N LEU A 76 9.02 -1.99 -7.38
CA LEU A 76 7.78 -2.70 -7.05
C LEU A 76 7.75 -2.96 -5.55
N GLU A 77 7.09 -2.06 -4.83
CA GLU A 77 7.01 -2.16 -3.38
C GLU A 77 5.77 -2.90 -2.87
N MET A 78 5.98 -3.78 -1.91
CA MET A 78 4.91 -4.58 -1.35
C MET A 78 5.00 -4.60 0.18
N ALA A 79 3.85 -4.61 0.83
CA ALA A 79 3.83 -4.66 2.29
C ALA A 79 2.89 -5.76 2.78
N LEU A 80 3.37 -6.55 3.73
CA LEU A 80 2.57 -7.63 4.31
C LEU A 80 1.84 -7.07 5.53
N GLY A 81 2.28 -5.91 5.97
CA GLY A 81 1.68 -5.26 7.12
C GLY A 81 2.39 -3.95 7.39
N PRO A 82 1.92 -3.15 8.36
CA PRO A 82 2.59 -1.88 8.64
C PRO A 82 4.05 -2.05 9.04
N GLY A 83 4.95 -1.41 8.29
CA GLY A 83 6.37 -1.50 8.56
C GLY A 83 7.02 -2.79 8.13
N ARG A 84 6.31 -3.61 7.36
CA ARG A 84 6.85 -4.87 6.89
C ARG A 84 6.87 -4.83 5.37
N GLU A 85 7.86 -4.15 4.84
CA GLU A 85 8.01 -3.94 3.41
C GLU A 85 9.00 -4.81 2.66
N TYR A 86 8.67 -5.02 1.39
CA TYR A 86 9.45 -5.85 0.49
C TYR A 86 9.47 -5.20 -0.88
N ARG A 87 10.33 -5.70 -1.75
CA ARG A 87 10.40 -5.24 -3.14
C ARG A 87 10.45 -6.50 -3.99
N ALA A 88 9.69 -6.52 -5.09
CA ALA A 88 9.64 -7.68 -5.97
C ALA A 88 10.94 -7.83 -6.75
N LEU A 89 11.36 -9.08 -6.93
CA LEU A 89 12.59 -9.39 -7.65
C LEU A 89 12.31 -10.06 -8.98
N GLN A 90 11.36 -10.98 -8.98
CA GLN A 90 11.02 -11.74 -10.18
C GLN A 90 9.74 -12.54 -9.95
N LEU A 91 9.18 -13.06 -11.03
CA LEU A 91 8.00 -13.89 -10.94
C LEU A 91 8.19 -15.06 -11.90
N HIS A 92 7.58 -16.20 -11.58
CA HIS A 92 7.71 -17.38 -12.42
C HIS A 92 6.46 -18.23 -12.23
N LEU A 93 6.38 -19.32 -12.98
CA LEU A 93 5.21 -20.19 -12.91
C LEU A 93 5.53 -21.66 -12.70
N HIS A 94 4.53 -22.39 -12.24
CA HIS A 94 4.61 -23.84 -12.03
C HIS A 94 3.34 -24.38 -12.70
N TRP A 95 3.49 -25.40 -13.52
CA TRP A 95 2.34 -25.95 -14.23
C TRP A 95 2.41 -27.46 -14.44
N GLY A 96 1.34 -28.02 -14.99
CA GLY A 96 1.31 -29.46 -15.19
C GLY A 96 1.57 -29.93 -16.61
N ALA A 97 0.62 -30.70 -17.15
CA ALA A 97 0.72 -31.24 -18.50
C ALA A 97 -0.69 -31.59 -18.99
N ALA A 98 -0.78 -32.18 -20.17
CA ALA A 98 -2.07 -32.55 -20.75
C ALA A 98 -2.92 -33.32 -19.73
N GLY A 99 -4.06 -32.75 -19.40
CA GLY A 99 -4.97 -33.39 -18.45
C GLY A 99 -4.40 -33.61 -17.06
N ARG A 100 -3.42 -32.79 -16.66
CA ARG A 100 -2.82 -32.93 -15.35
C ARG A 100 -2.46 -31.57 -14.73
N PRO A 101 -3.06 -31.23 -13.59
CA PRO A 101 -2.80 -29.95 -12.90
C PRO A 101 -1.36 -29.88 -12.39
N GLY A 102 -0.85 -28.66 -12.23
CA GLY A 102 0.52 -28.52 -11.75
C GLY A 102 0.84 -27.43 -10.74
N SER A 103 -0.15 -26.96 -10.00
CA SER A 103 0.13 -25.95 -9.00
C SER A 103 0.99 -26.59 -7.90
N GLU A 104 1.62 -25.78 -7.07
CA GLU A 104 2.47 -26.30 -6.00
C GLU A 104 1.62 -26.48 -4.76
N HIS A 105 0.96 -25.42 -4.33
CA HIS A 105 0.09 -25.54 -3.18
C HIS A 105 -1.20 -26.21 -3.64
N THR A 106 -1.90 -26.84 -2.71
CA THR A 106 -3.17 -27.47 -3.01
C THR A 106 -4.13 -27.00 -1.93
N VAL A 107 -5.41 -27.07 -2.22
CA VAL A 107 -6.42 -26.66 -1.25
C VAL A 107 -7.39 -27.82 -1.07
N GLU A 108 -7.39 -28.37 0.15
CA GLU A 108 -8.26 -29.51 0.47
C GLU A 108 -7.92 -30.65 -0.48
N GLY A 109 -6.64 -30.81 -0.79
CA GLY A 109 -6.20 -31.87 -1.68
C GLY A 109 -6.35 -31.56 -3.16
N HIS A 110 -7.05 -30.49 -3.50
CA HIS A 110 -7.23 -30.13 -4.90
C HIS A 110 -6.03 -29.39 -5.48
N ARG A 111 -5.52 -29.87 -6.61
CA ARG A 111 -4.39 -29.24 -7.27
C ARG A 111 -4.95 -28.44 -8.44
N PHE A 112 -4.55 -27.18 -8.57
CA PHE A 112 -5.03 -26.33 -9.65
C PHE A 112 -4.16 -26.46 -10.90
N PRO A 113 -4.67 -26.04 -12.06
CA PRO A 113 -3.91 -26.13 -13.31
C PRO A 113 -2.49 -25.60 -13.21
N ALA A 114 -2.34 -24.38 -12.69
CA ALA A 114 -1.02 -23.77 -12.57
C ALA A 114 -0.96 -22.80 -11.40
N GLU A 115 0.23 -22.24 -11.16
CA GLU A 115 0.41 -21.31 -10.06
C GLU A 115 1.47 -20.28 -10.41
N ILE A 116 1.24 -19.03 -10.03
CA ILE A 116 2.22 -17.98 -10.27
C ILE A 116 2.85 -17.57 -8.95
N HIS A 117 4.15 -17.30 -8.98
CA HIS A 117 4.89 -16.87 -7.78
C HIS A 117 5.59 -15.56 -8.04
N VAL A 118 5.40 -14.59 -7.15
CA VAL A 118 6.08 -13.31 -7.26
C VAL A 118 6.97 -13.25 -6.02
N VAL A 119 8.28 -13.39 -6.24
CA VAL A 119 9.28 -13.41 -5.18
C VAL A 119 9.73 -12.01 -4.75
N HIS A 120 9.68 -11.76 -3.45
CA HIS A 120 10.06 -10.47 -2.88
C HIS A 120 11.22 -10.55 -1.88
N LEU A 121 11.96 -9.44 -1.79
CA LEU A 121 13.09 -9.34 -0.86
C LEU A 121 12.79 -8.28 0.20
N SER A 122 12.94 -8.65 1.46
CA SER A 122 12.72 -7.70 2.55
C SER A 122 13.62 -6.48 2.37
N THR A 123 13.10 -5.29 2.61
CA THR A 123 13.89 -4.07 2.48
C THR A 123 15.02 -4.00 3.52
N ALA A 124 14.98 -4.91 4.50
CA ALA A 124 16.00 -4.94 5.55
C ALA A 124 17.26 -5.67 5.07
N PHE A 125 17.17 -6.29 3.89
CA PHE A 125 18.31 -7.00 3.32
C PHE A 125 18.66 -6.40 1.96
N ALA A 126 19.94 -6.11 1.75
CA ALA A 126 20.38 -5.54 0.49
C ALA A 126 20.47 -6.57 -0.62
N ARG A 127 20.79 -7.81 -0.27
CA ARG A 127 20.91 -8.87 -1.26
C ARG A 127 20.19 -10.16 -0.86
N VAL A 128 19.81 -10.93 -1.85
CA VAL A 128 19.11 -12.19 -1.61
C VAL A 128 19.92 -13.15 -0.76
N ASP A 129 21.21 -13.31 -1.07
CA ASP A 129 22.06 -14.23 -0.33
C ASP A 129 22.12 -13.93 1.17
N GLU A 130 21.78 -12.70 1.56
CA GLU A 130 21.78 -12.33 2.99
C GLU A 130 20.41 -12.68 3.60
N ALA A 131 19.39 -12.71 2.75
CA ALA A 131 18.04 -13.02 3.19
C ALA A 131 17.76 -14.51 3.30
N LEU A 132 18.46 -15.31 2.52
CA LEU A 132 18.25 -16.76 2.53
C LEU A 132 18.38 -17.35 3.92
N GLY A 133 17.37 -18.13 4.32
CA GLY A 133 17.40 -18.76 5.63
C GLY A 133 17.05 -17.86 6.81
N ARG A 134 16.95 -16.56 6.57
CA ARG A 134 16.60 -15.63 7.64
C ARG A 134 15.08 -15.47 7.70
N PRO A 135 14.52 -15.38 8.91
CA PRO A 135 13.07 -15.25 9.06
C PRO A 135 12.48 -14.01 8.36
N GLY A 136 11.56 -14.26 7.44
CA GLY A 136 10.92 -13.17 6.72
C GLY A 136 11.82 -12.45 5.73
N GLY A 137 13.03 -12.98 5.50
CA GLY A 137 13.94 -12.35 4.57
C GLY A 137 13.33 -12.33 3.18
N LEU A 138 12.65 -13.41 2.82
CA LEU A 138 12.01 -13.54 1.53
C LEU A 138 10.50 -13.75 1.72
N ALA A 139 9.72 -13.17 0.83
CA ALA A 139 8.27 -13.32 0.88
C ALA A 139 7.82 -13.62 -0.55
N VAL A 140 6.96 -14.63 -0.69
CA VAL A 140 6.46 -14.97 -2.01
C VAL A 140 4.94 -14.85 -2.03
N LEU A 141 4.42 -14.22 -3.07
CA LEU A 141 2.98 -14.09 -3.24
C LEU A 141 2.61 -15.18 -4.24
N ALA A 142 1.62 -15.99 -3.92
CA ALA A 142 1.22 -17.06 -4.80
C ALA A 142 -0.27 -17.02 -5.13
N ALA A 143 -0.58 -17.25 -6.41
CA ALA A 143 -1.96 -17.26 -6.86
C ALA A 143 -2.16 -18.47 -7.78
N PHE A 144 -3.33 -19.09 -7.69
CA PHE A 144 -3.65 -20.24 -8.52
C PHE A 144 -4.22 -19.78 -9.87
N LEU A 145 -3.88 -20.49 -10.93
CA LEU A 145 -4.39 -20.18 -12.25
C LEU A 145 -5.38 -21.29 -12.60
N GLU A 146 -6.63 -20.92 -12.83
CA GLU A 146 -7.66 -21.90 -13.18
C GLU A 146 -8.10 -21.73 -14.62
N GLU A 147 -8.77 -22.76 -15.14
CA GLU A 147 -9.28 -22.75 -16.50
C GLU A 147 -10.58 -21.94 -16.53
N GLY A 148 -10.73 -21.13 -17.57
CA GLY A 148 -11.92 -20.33 -17.71
C GLY A 148 -12.27 -20.18 -19.18
N PRO A 149 -13.45 -19.61 -19.50
CA PRO A 149 -13.91 -19.41 -20.88
C PRO A 149 -13.25 -18.27 -21.65
N GLU A 150 -12.78 -17.26 -20.94
CA GLU A 150 -12.15 -16.10 -21.58
C GLU A 150 -10.63 -16.12 -21.60
N GLU A 151 -10.05 -15.56 -22.66
CA GLU A 151 -8.62 -15.46 -22.77
C GLU A 151 -8.17 -14.36 -21.81
N ASN A 152 -7.11 -14.62 -21.05
CA ASN A 152 -6.60 -13.64 -20.10
C ASN A 152 -5.60 -12.72 -20.82
N SER A 153 -5.95 -11.45 -20.91
CA SER A 153 -5.09 -10.47 -21.59
C SER A 153 -3.73 -10.28 -20.94
N ALA A 154 -3.71 -10.24 -19.61
CA ALA A 154 -2.46 -10.05 -18.89
C ALA A 154 -1.47 -11.18 -19.19
N TYR A 155 -1.93 -12.42 -19.06
CA TYR A 155 -1.05 -13.57 -19.31
C TYR A 155 -0.68 -13.77 -20.78
N GLU A 156 -1.46 -13.18 -21.69
CA GLU A 156 -1.18 -13.29 -23.12
C GLU A 156 0.19 -12.70 -23.43
N GLN A 157 0.56 -11.67 -22.67
CA GLN A 157 1.85 -11.02 -22.85
C GLN A 157 3.02 -11.96 -22.59
N LEU A 158 2.82 -12.91 -21.69
CA LEU A 158 3.87 -13.86 -21.35
C LEU A 158 3.78 -15.12 -22.21
N LEU A 159 2.58 -15.68 -22.31
CA LEU A 159 2.37 -16.90 -23.09
C LEU A 159 2.71 -16.77 -24.57
N SER A 160 2.45 -15.60 -25.14
CA SER A 160 2.72 -15.38 -26.56
C SER A 160 4.21 -15.28 -26.86
N ARG A 161 5.02 -15.19 -25.81
CA ARG A 161 6.45 -15.07 -25.97
C ARG A 161 7.21 -16.38 -25.70
N LEU A 162 6.50 -17.40 -25.23
CA LEU A 162 7.16 -18.66 -24.91
C LEU A 162 7.84 -19.35 -26.10
N GLU A 163 7.27 -19.23 -27.30
CA GLU A 163 7.87 -19.87 -28.47
C GLU A 163 9.25 -19.31 -28.78
N GLU A 164 9.50 -18.05 -28.41
CA GLU A 164 10.78 -17.42 -28.67
C GLU A 164 11.87 -17.96 -27.75
N ILE A 165 11.46 -18.60 -26.66
CA ILE A 165 12.42 -19.14 -25.68
C ILE A 165 12.16 -20.61 -25.35
N ALA A 166 11.75 -21.37 -26.35
CA ALA A 166 11.44 -22.79 -26.16
C ALA A 166 12.55 -23.62 -25.55
N GLU A 167 13.79 -23.41 -25.99
CA GLU A 167 14.93 -24.17 -25.48
C GLU A 167 15.45 -23.63 -24.16
N GLU A 168 15.82 -24.53 -23.27
CA GLU A 168 16.36 -24.17 -21.96
C GLU A 168 17.56 -23.26 -22.18
N GLY A 169 17.64 -22.19 -21.39
CA GLY A 169 18.77 -21.27 -21.52
C GLY A 169 18.48 -20.08 -22.42
N SER A 170 17.37 -20.14 -23.15
N SER A 170 17.40 -20.14 -23.19
CA SER A 170 16.99 -19.05 -24.05
CA SER A 170 17.06 -19.02 -24.07
C SER A 170 16.31 -17.93 -23.27
C SER A 170 16.32 -17.93 -23.29
N GLU A 171 16.44 -16.70 -23.78
CA GLU A 171 15.81 -15.56 -23.14
C GLU A 171 15.45 -14.51 -24.19
N THR A 172 14.57 -13.59 -23.82
CA THR A 172 14.17 -12.53 -24.72
C THR A 172 13.69 -11.33 -23.91
N GLN A 173 13.73 -10.16 -24.53
CA GLN A 173 13.27 -8.93 -23.88
C GLN A 173 11.81 -8.74 -24.28
N VAL A 174 10.96 -8.43 -23.30
CA VAL A 174 9.55 -8.21 -23.58
C VAL A 174 9.12 -6.83 -23.10
N PRO A 175 8.08 -6.26 -23.73
CA PRO A 175 7.56 -4.94 -23.36
C PRO A 175 7.13 -4.89 -21.90
N GLY A 176 7.20 -3.69 -21.32
CA GLY A 176 6.76 -3.52 -19.94
C GLY A 176 5.29 -3.87 -19.90
N LEU A 177 4.83 -4.36 -18.74
CA LEU A 177 3.43 -4.74 -18.57
C LEU A 177 2.98 -4.46 -17.14
N ASP A 178 1.68 -4.49 -16.91
CA ASP A 178 1.14 -4.26 -15.59
C ASP A 178 1.24 -5.58 -14.83
N ILE A 179 2.25 -5.69 -13.97
CA ILE A 179 2.47 -6.90 -13.20
C ILE A 179 1.29 -7.25 -12.30
N SER A 180 0.66 -6.23 -11.71
CA SER A 180 -0.47 -6.48 -10.81
C SER A 180 -1.68 -7.07 -11.51
N ALA A 181 -1.76 -6.92 -12.83
CA ALA A 181 -2.88 -7.46 -13.59
C ALA A 181 -2.83 -9.00 -13.65
N LEU A 182 -1.69 -9.57 -13.28
CA LEU A 182 -1.52 -11.02 -13.29
C LEU A 182 -2.05 -11.63 -11.99
N LEU A 183 -2.45 -10.77 -11.06
CA LEU A 183 -2.92 -11.25 -9.75
C LEU A 183 -4.44 -11.19 -9.56
N PRO A 184 -4.95 -11.92 -8.54
CA PRO A 184 -6.38 -11.96 -8.23
C PRO A 184 -6.95 -10.58 -7.91
N SER A 185 -8.27 -10.48 -7.85
CA SER A 185 -8.92 -9.21 -7.59
C SER A 185 -8.96 -8.72 -6.15
N ASP A 186 -9.05 -9.62 -5.18
CA ASP A 186 -9.12 -9.23 -3.78
C ASP A 186 -7.81 -9.45 -3.03
N PHE A 187 -7.18 -8.37 -2.58
CA PHE A 187 -5.92 -8.46 -1.86
C PHE A 187 -6.12 -8.60 -0.35
N SER A 188 -7.37 -8.74 0.08
CA SER A 188 -7.65 -8.87 1.51
C SER A 188 -7.94 -10.31 1.95
N ARG A 189 -8.14 -11.21 0.98
CA ARG A 189 -8.44 -12.61 1.27
C ARG A 189 -7.27 -13.53 0.89
N TYR A 190 -6.57 -14.03 1.89
CA TYR A 190 -5.42 -14.90 1.64
C TYR A 190 -5.05 -15.75 2.84
N PHE A 191 -4.24 -16.76 2.59
CA PHE A 191 -3.73 -17.65 3.63
C PHE A 191 -2.26 -17.27 3.77
N GLN A 192 -1.69 -17.48 4.95
CA GLN A 192 -0.30 -17.15 5.16
C GLN A 192 0.36 -18.09 6.15
N TYR A 193 1.59 -18.48 5.87
CA TYR A 193 2.32 -19.39 6.75
C TYR A 193 3.80 -19.25 6.42
N GLU A 194 4.65 -19.82 7.27
CA GLU A 194 6.08 -19.73 7.04
C GLU A 194 6.61 -21.06 6.55
N GLY A 195 7.44 -21.01 5.51
CA GLY A 195 7.99 -22.24 4.96
C GLY A 195 9.33 -22.05 4.31
N SER A 196 9.49 -22.63 3.12
CA SER A 196 10.75 -22.57 2.41
C SER A 196 10.57 -22.32 0.94
N LEU A 197 11.69 -22.21 0.23
CA LEU A 197 11.64 -22.07 -1.21
C LEU A 197 11.23 -23.48 -1.64
N THR A 198 10.50 -23.59 -2.75
CA THR A 198 10.05 -24.90 -3.22
C THR A 198 11.04 -25.59 -4.15
N THR A 199 12.20 -24.99 -4.35
CA THR A 199 13.26 -25.55 -5.19
C THR A 199 14.57 -25.30 -4.45
N PRO A 200 15.61 -26.12 -4.71
CA PRO A 200 16.89 -25.92 -4.03
C PRO A 200 17.28 -24.45 -4.16
N PRO A 201 17.93 -23.87 -3.12
CA PRO A 201 18.34 -24.46 -1.85
C PRO A 201 17.26 -24.76 -0.82
N CYS A 202 16.00 -24.50 -1.15
CA CYS A 202 14.90 -24.77 -0.23
C CYS A 202 15.10 -24.08 1.12
N ALA A 203 15.71 -22.88 1.12
CA ALA A 203 15.94 -22.15 2.36
C ALA A 203 14.65 -21.88 3.11
N GLN A 204 14.67 -22.06 4.43
CA GLN A 204 13.49 -21.83 5.23
C GLN A 204 13.37 -20.36 5.65
N GLY A 205 12.32 -20.03 6.39
CA GLY A 205 12.13 -18.65 6.81
C GLY A 205 11.39 -17.82 5.77
N VAL A 206 10.85 -18.48 4.74
CA VAL A 206 10.12 -17.79 3.69
C VAL A 206 8.66 -17.60 4.09
N ILE A 207 8.16 -16.36 3.97
CA ILE A 207 6.77 -16.11 4.30
C ILE A 207 5.92 -16.30 3.04
N TRP A 208 5.02 -17.28 3.09
CA TRP A 208 4.14 -17.55 1.96
C TRP A 208 2.75 -16.95 2.15
N THR A 209 2.29 -16.26 1.11
CA THR A 209 0.96 -15.66 1.12
C THR A 209 0.26 -16.19 -0.13
N VAL A 210 -0.79 -16.97 0.08
CA VAL A 210 -1.54 -17.57 -1.01
C VAL A 210 -2.92 -16.95 -1.14
N PHE A 211 -3.18 -16.26 -2.25
CA PHE A 211 -4.46 -15.62 -2.47
C PHE A 211 -5.61 -16.61 -2.44
N ASN A 212 -6.72 -16.21 -1.84
CA ASN A 212 -7.88 -17.07 -1.77
C ASN A 212 -8.62 -17.09 -3.10
N GLN A 213 -8.59 -15.98 -3.82
CA GLN A 213 -9.25 -15.90 -5.12
C GLN A 213 -8.22 -16.28 -6.19
N THR A 214 -8.69 -16.81 -7.30
CA THR A 214 -7.82 -17.25 -8.37
C THR A 214 -7.94 -16.36 -9.61
N VAL A 215 -7.12 -16.64 -10.62
CA VAL A 215 -7.18 -15.91 -11.87
C VAL A 215 -7.48 -16.96 -12.92
N MET A 216 -8.15 -16.57 -14.01
CA MET A 216 -8.50 -17.52 -15.05
C MET A 216 -7.78 -17.35 -16.36
N LEU A 217 -7.45 -18.49 -16.97
CA LEU A 217 -6.80 -18.54 -18.27
C LEU A 217 -7.65 -19.49 -19.11
N SER A 218 -7.65 -19.30 -20.42
CA SER A 218 -8.43 -20.18 -21.29
C SER A 218 -7.71 -21.53 -21.38
N ALA A 219 -8.43 -22.54 -21.83
CA ALA A 219 -7.85 -23.88 -21.98
C ALA A 219 -6.67 -23.79 -22.94
N LYS A 220 -6.83 -22.99 -23.98
CA LYS A 220 -5.79 -22.79 -24.97
C LYS A 220 -4.54 -22.18 -24.34
N GLN A 221 -4.73 -21.23 -23.44
CA GLN A 221 -3.61 -20.58 -22.77
C GLN A 221 -2.88 -21.56 -21.85
N LEU A 222 -3.63 -22.38 -21.12
CA LEU A 222 -3.02 -23.35 -20.23
C LEU A 222 -2.23 -24.39 -21.04
N HIS A 223 -2.74 -24.72 -22.23
CA HIS A 223 -2.05 -25.68 -23.10
C HIS A 223 -0.76 -25.05 -23.63
N THR A 224 -0.83 -23.77 -23.98
CA THR A 224 0.35 -23.07 -24.49
C THR A 224 1.43 -23.04 -23.40
N LEU A 225 1.03 -22.81 -22.16
CA LEU A 225 1.96 -22.75 -21.04
C LEU A 225 2.69 -24.08 -20.81
N SER A 226 1.95 -25.18 -20.81
CA SER A 226 2.54 -26.48 -20.54
C SER A 226 3.08 -27.26 -21.72
N ASP A 227 2.88 -26.78 -22.94
CA ASP A 227 3.34 -27.53 -24.10
C ASP A 227 4.28 -26.79 -25.05
N THR A 228 4.87 -25.70 -24.59
CA THR A 228 5.77 -24.93 -25.45
C THR A 228 7.24 -24.98 -25.06
N LEU A 229 7.52 -24.98 -23.77
CA LEU A 229 8.90 -24.96 -23.30
C LEU A 229 9.55 -26.32 -23.10
N TRP A 230 10.86 -26.37 -23.30
CA TRP A 230 11.63 -27.58 -23.12
C TRP A 230 12.53 -27.42 -21.88
N GLY A 231 12.68 -28.51 -21.12
CA GLY A 231 13.48 -28.45 -19.91
C GLY A 231 14.85 -29.09 -20.01
N PRO A 232 15.43 -29.52 -18.88
CA PRO A 232 16.75 -30.15 -18.84
C PRO A 232 16.81 -31.42 -19.67
N GLY A 233 17.95 -31.66 -20.32
CA GLY A 233 18.09 -32.85 -21.14
C GLY A 233 17.24 -32.70 -22.38
N ASP A 234 16.36 -33.65 -22.63
CA ASP A 234 15.51 -33.56 -23.81
C ASP A 234 14.02 -33.52 -23.48
N SER A 235 13.70 -33.42 -22.20
CA SER A 235 12.30 -33.44 -21.77
C SER A 235 11.54 -32.13 -21.91
N ARG A 236 10.22 -32.24 -22.00
CA ARG A 236 9.35 -31.08 -22.09
C ARG A 236 9.34 -30.44 -20.70
N LEU A 237 9.27 -29.12 -20.63
CA LEU A 237 9.23 -28.46 -19.34
C LEU A 237 7.76 -28.54 -18.89
N GLN A 238 7.45 -29.57 -18.10
CA GLN A 238 6.09 -29.79 -17.60
C GLN A 238 6.16 -30.35 -16.19
N LEU A 239 5.03 -30.33 -15.49
CA LEU A 239 4.96 -30.86 -14.14
C LEU A 239 6.10 -30.32 -13.30
N ASN A 240 6.41 -29.04 -13.46
CA ASN A 240 7.49 -28.43 -12.72
C ASN A 240 7.02 -27.90 -11.37
N PHE A 241 6.63 -28.82 -10.50
CA PHE A 241 6.16 -28.49 -9.16
C PHE A 241 6.66 -29.54 -8.17
N ARG A 242 6.76 -29.15 -6.90
CA ARG A 242 7.23 -30.06 -5.86
C ARG A 242 6.04 -30.68 -5.14
N ALA A 243 6.20 -31.91 -4.68
CA ALA A 243 5.13 -32.60 -3.95
C ALA A 243 4.79 -31.84 -2.67
N THR A 244 3.57 -32.04 -2.19
CA THR A 244 3.09 -31.41 -0.97
C THR A 244 3.98 -31.83 0.20
N GLN A 245 4.29 -30.86 1.07
CA GLN A 245 5.12 -31.11 2.24
C GLN A 245 4.23 -31.02 3.48
N PRO A 246 4.48 -31.86 4.48
CA PRO A 246 3.66 -31.81 5.69
C PRO A 246 3.84 -30.53 6.51
N LEU A 247 2.77 -30.06 7.10
CA LEU A 247 2.81 -28.85 7.93
C LEU A 247 3.69 -29.08 9.15
N ASN A 248 3.68 -30.32 9.65
CA ASN A 248 4.47 -30.68 10.82
C ASN A 248 4.26 -29.76 12.03
N GLY A 249 3.03 -29.37 12.30
CA GLY A 249 2.78 -28.52 13.45
C GLY A 249 2.48 -27.08 13.12
N ARG A 250 2.90 -26.62 11.95
CA ARG A 250 2.65 -25.25 11.55
C ARG A 250 1.15 -25.04 11.38
N VAL A 251 0.68 -23.86 11.74
CA VAL A 251 -0.73 -23.54 11.59
C VAL A 251 -0.87 -22.44 10.55
N ILE A 252 -1.62 -22.73 9.49
CA ILE A 252 -1.83 -21.74 8.44
C ILE A 252 -2.83 -20.70 8.90
N GLU A 253 -2.54 -19.43 8.66
CA GLU A 253 -3.45 -18.36 9.06
C GLU A 253 -4.26 -17.90 7.86
N ALA A 254 -5.46 -17.40 8.15
CA ALA A 254 -6.36 -16.90 7.11
C ALA A 254 -6.70 -15.45 7.46
N SER A 255 -6.73 -14.59 6.44
CA SER A 255 -7.03 -13.18 6.65
C SER A 255 -8.52 -12.91 6.67
N PHE A 256 -9.31 -13.98 6.57
CA PHE A 256 -10.76 -13.86 6.55
C PHE A 256 -11.40 -14.96 7.39
N PRO A 257 -12.58 -14.67 7.99
CA PRO A 257 -13.32 -15.62 8.84
C PRO A 257 -13.90 -16.78 8.05
N HIS B 6 26.91 9.88 25.51
CA HIS B 6 26.19 8.58 25.66
C HIS B 6 24.74 8.85 26.05
N TRP B 7 23.81 8.10 25.46
CA TRP B 7 22.40 8.30 25.76
C TRP B 7 22.04 8.05 27.22
N ARG B 8 20.94 8.64 27.65
CA ARG B 8 20.46 8.49 29.01
C ARG B 8 18.95 8.71 29.02
N TYR B 9 18.34 8.47 30.18
CA TYR B 9 16.91 8.68 30.33
C TYR B 9 16.66 10.09 30.82
N GLY B 10 15.59 10.71 30.33
CA GLY B 10 15.24 12.06 30.74
C GLY B 10 16.20 13.20 30.41
N GLY B 11 16.86 13.14 29.26
CA GLY B 11 17.78 14.22 28.92
C GLY B 11 18.60 14.00 27.66
N ASP B 12 19.31 15.03 27.23
CA ASP B 12 20.13 14.95 26.02
C ASP B 12 21.21 13.88 26.19
N PRO B 13 21.75 13.37 25.07
CA PRO B 13 21.39 13.74 23.70
C PRO B 13 20.06 13.17 23.21
N PRO B 14 19.38 13.88 22.29
CA PRO B 14 18.10 13.40 21.77
C PRO B 14 18.34 12.02 21.16
N TRP B 15 17.49 11.06 21.48
CA TRP B 15 17.66 9.70 20.94
C TRP B 15 17.74 9.65 19.42
N PRO B 16 16.96 10.48 18.70
CA PRO B 16 17.04 10.44 17.24
C PRO B 16 18.42 10.87 16.72
N ARG B 17 19.15 11.65 17.53
CA ARG B 17 20.50 12.08 17.15
C ARG B 17 21.45 10.91 17.36
N VAL B 18 21.20 10.12 18.41
CA VAL B 18 22.02 8.96 18.70
C VAL B 18 21.77 7.87 17.66
N SER B 19 20.50 7.68 17.31
CA SER B 19 20.11 6.68 16.31
C SER B 19 18.82 7.09 15.62
N PRO B 20 18.85 7.24 14.29
CA PRO B 20 17.68 7.63 13.49
C PRO B 20 16.48 6.73 13.76
N ALA B 21 16.74 5.44 13.96
CA ALA B 21 15.68 4.47 14.20
C ALA B 21 14.83 4.80 15.42
N CYS B 22 15.35 5.59 16.35
CA CYS B 22 14.58 5.95 17.54
C CYS B 22 13.41 6.87 17.19
N ALA B 23 13.33 7.28 15.92
CA ALA B 23 12.23 8.13 15.48
C ALA B 23 11.37 7.35 14.47
N GLY B 24 11.57 6.04 14.42
CA GLY B 24 10.80 5.21 13.51
C GLY B 24 9.31 5.26 13.82
N ARG B 25 8.48 4.83 12.88
CA ARG B 25 7.04 4.86 13.08
C ARG B 25 6.51 3.71 13.95
N PHE B 26 7.28 2.63 14.05
CA PHE B 26 6.83 1.47 14.81
C PHE B 26 7.77 1.10 15.95
N GLN B 27 7.66 1.86 17.04
CA GLN B 27 8.52 1.69 18.20
C GLN B 27 7.86 0.97 19.37
N SER B 28 8.69 0.65 20.36
CA SER B 28 8.27 -0.01 21.59
C SER B 28 8.81 0.86 22.72
N PRO B 29 8.20 0.78 23.91
CA PRO B 29 7.06 -0.06 24.26
C PRO B 29 5.75 0.57 23.82
N VAL B 30 4.65 -0.14 24.04
CA VAL B 30 3.34 0.35 23.67
C VAL B 30 2.33 0.06 24.78
N ASP B 31 1.16 0.68 24.69
CA ASP B 31 0.11 0.44 25.67
C ASP B 31 -0.73 -0.68 25.08
N ILE B 32 -0.93 -1.73 25.85
CA ILE B 32 -1.71 -2.88 25.41
C ILE B 32 -3.15 -2.78 25.88
N ARG B 33 -4.09 -2.80 24.95
CA ARG B 33 -5.51 -2.76 25.29
C ARG B 33 -6.03 -4.14 24.95
N PRO B 34 -6.20 -5.01 25.96
CA PRO B 34 -6.70 -6.38 25.80
C PRO B 34 -7.90 -6.55 24.90
N GLN B 35 -8.89 -5.66 25.01
CA GLN B 35 -10.09 -5.75 24.20
C GLN B 35 -9.82 -5.54 22.72
N LEU B 36 -8.76 -4.79 22.40
CA LEU B 36 -8.43 -4.53 21.01
C LEU B 36 -7.37 -5.48 20.45
N ALA B 37 -6.93 -6.43 21.27
CA ALA B 37 -5.93 -7.39 20.83
C ALA B 37 -6.63 -8.44 19.98
N ALA B 38 -5.99 -8.89 18.91
CA ALA B 38 -6.59 -9.89 18.05
C ALA B 38 -6.27 -11.31 18.48
N PHE B 39 -7.31 -12.08 18.80
CA PHE B 39 -7.09 -13.47 19.21
C PHE B 39 -6.51 -14.20 17.99
N SER B 40 -5.34 -14.80 18.16
CA SER B 40 -4.68 -15.52 17.07
C SER B 40 -4.38 -16.93 17.50
N PRO B 41 -5.25 -17.89 17.16
CA PRO B 41 -5.12 -19.31 17.49
C PRO B 41 -3.80 -19.94 17.07
N ALA B 42 -3.09 -19.31 16.14
CA ALA B 42 -1.81 -19.83 15.66
C ALA B 42 -0.69 -19.65 16.69
N LEU B 43 -0.89 -18.76 17.65
CA LEU B 43 0.12 -18.52 18.69
C LEU B 43 0.13 -19.68 19.67
N ARG B 44 1.16 -20.52 19.59
N ARG B 44 1.17 -20.51 19.59
CA ARG B 44 1.26 -21.68 20.48
CA ARG B 44 1.29 -21.66 20.47
C ARG B 44 2.07 -21.34 21.74
C ARG B 44 2.09 -21.35 21.73
N PRO B 45 2.01 -22.21 22.76
CA PRO B 45 2.74 -22.00 24.00
C PRO B 45 4.23 -21.83 23.75
N LEU B 46 4.86 -20.88 24.45
CA LEU B 46 6.29 -20.65 24.29
C LEU B 46 7.06 -21.85 24.82
N GLU B 47 8.21 -22.14 24.21
CA GLU B 47 9.03 -23.25 24.66
C GLU B 47 10.41 -22.74 25.06
N LEU B 48 10.78 -22.99 26.32
CA LEU B 48 12.06 -22.56 26.86
C LEU B 48 12.79 -23.73 27.50
N LEU B 49 13.89 -24.16 26.90
CA LEU B 49 14.67 -25.27 27.44
C LEU B 49 16.09 -24.83 27.75
N GLY B 50 16.72 -25.50 28.70
CA GLY B 50 18.09 -25.15 29.07
C GLY B 50 18.19 -23.93 29.98
N PHE B 51 17.06 -23.47 30.50
CA PHE B 51 17.05 -22.30 31.38
C PHE B 51 17.37 -22.62 32.84
N GLN B 52 17.34 -23.90 33.20
CA GLN B 52 17.64 -24.33 34.57
C GLN B 52 19.14 -24.55 34.71
N LEU B 53 19.86 -23.45 34.93
CA LEU B 53 21.31 -23.51 35.05
C LEU B 53 21.81 -24.05 36.39
N PRO B 54 22.94 -24.78 36.36
CA PRO B 54 23.51 -25.34 37.59
C PRO B 54 24.29 -24.24 38.33
N PRO B 55 24.66 -24.50 39.60
CA PRO B 55 25.40 -23.51 40.40
C PRO B 55 26.65 -22.94 39.72
N LEU B 56 27.31 -23.76 38.91
CA LEU B 56 28.52 -23.32 38.21
C LEU B 56 28.39 -23.68 36.74
N PRO B 57 28.99 -22.89 35.84
CA PRO B 57 29.77 -21.68 36.14
C PRO B 57 28.91 -20.49 36.57
N GLU B 58 29.57 -19.46 37.07
CA GLU B 58 28.87 -18.26 37.51
C GLU B 58 28.47 -17.42 36.31
N LEU B 59 27.64 -16.42 36.55
CA LEU B 59 27.19 -15.51 35.51
C LEU B 59 27.53 -14.08 35.88
N ARG B 60 27.84 -13.28 34.87
CA ARG B 60 28.19 -11.89 35.07
C ARG B 60 26.93 -11.04 35.26
N LEU B 61 26.92 -10.24 36.32
CA LEU B 61 25.81 -9.34 36.63
C LEU B 61 26.44 -7.94 36.59
N ARG B 62 25.89 -7.05 35.79
CA ARG B 62 26.48 -5.73 35.65
C ARG B 62 25.55 -4.52 35.72
N ASN B 63 26.07 -3.45 36.31
CA ASN B 63 25.35 -2.18 36.41
C ASN B 63 25.96 -1.38 35.26
N ASN B 64 25.22 -1.26 34.16
CA ASN B 64 25.75 -0.53 33.01
C ASN B 64 25.30 0.93 32.96
N GLY B 65 24.65 1.39 34.02
CA GLY B 65 24.20 2.76 34.03
C GLY B 65 22.74 2.94 33.64
N HIS B 66 22.20 2.05 32.81
N HIS B 66 22.19 2.03 32.84
CA HIS B 66 20.81 2.15 32.41
CA HIS B 66 20.78 2.15 32.42
C HIS B 66 19.96 0.99 32.92
C HIS B 66 19.94 1.04 33.03
N SER B 67 20.61 0.02 33.54
CA SER B 67 19.92 -1.14 34.11
C SER B 67 20.93 -2.10 34.71
N VAL B 68 20.42 -3.19 35.28
CA VAL B 68 21.29 -4.22 35.80
C VAL B 68 21.06 -5.33 34.77
N GLN B 69 22.15 -5.81 34.17
CA GLN B 69 22.05 -6.83 33.15
C GLN B 69 22.79 -8.12 33.51
N LEU B 70 22.11 -9.24 33.30
CA LEU B 70 22.68 -10.55 33.58
C LEU B 70 23.06 -11.21 32.25
N THR B 71 24.34 -11.54 32.10
CA THR B 71 24.81 -12.19 30.88
C THR B 71 24.46 -13.68 30.94
N LEU B 72 23.75 -14.15 29.91
CA LEU B 72 23.33 -15.55 29.86
C LEU B 72 24.24 -16.38 28.97
N PRO B 73 24.52 -17.63 29.37
CA PRO B 73 25.39 -18.53 28.60
C PRO B 73 24.69 -19.17 27.41
N PRO B 74 25.45 -19.87 26.56
CA PRO B 74 24.85 -20.53 25.40
C PRO B 74 23.99 -21.67 25.92
N GLY B 75 23.05 -22.15 25.13
CA GLY B 75 22.22 -23.26 25.57
C GLY B 75 20.80 -22.97 26.01
N LEU B 76 20.45 -21.69 26.17
CA LEU B 76 19.09 -21.35 26.57
C LEU B 76 18.29 -21.19 25.28
N GLU B 77 17.69 -22.29 24.85
CA GLU B 77 16.93 -22.33 23.62
C GLU B 77 15.46 -21.97 23.81
N MET B 78 14.94 -21.17 22.90
CA MET B 78 13.56 -20.71 22.97
C MET B 78 12.91 -20.76 21.60
N ALA B 79 11.62 -21.07 21.58
CA ALA B 79 10.88 -21.13 20.32
C ALA B 79 9.57 -20.35 20.41
N LEU B 80 9.33 -19.49 19.42
CA LEU B 80 8.10 -18.71 19.39
C LEU B 80 7.06 -19.54 18.63
N GLY B 81 7.54 -20.58 17.96
CA GLY B 81 6.66 -21.45 17.19
C GLY B 81 7.46 -22.51 16.46
N PRO B 82 6.78 -23.45 15.78
CA PRO B 82 7.47 -24.51 15.05
C PRO B 82 8.53 -23.98 14.07
N GLY B 83 9.78 -24.36 14.30
CA GLY B 83 10.85 -23.92 13.41
C GLY B 83 11.28 -22.47 13.56
N ARG B 84 10.84 -21.82 14.62
CA ARG B 84 11.19 -20.41 14.84
C ARG B 84 11.92 -20.33 16.18
N GLU B 85 13.19 -20.71 16.15
CA GLU B 85 14.02 -20.78 17.34
C GLU B 85 15.00 -19.64 17.60
N TYR B 86 15.26 -19.43 18.88
CA TYR B 86 16.14 -18.38 19.36
C TYR B 86 16.98 -18.90 20.52
N ARG B 87 17.96 -18.11 20.92
CA ARG B 87 18.77 -18.46 22.08
C ARG B 87 18.90 -17.17 22.90
N ALA B 88 18.77 -17.30 24.21
CA ALA B 88 18.84 -16.14 25.09
C ALA B 88 20.25 -15.58 25.20
N LEU B 89 20.36 -14.26 25.21
CA LEU B 89 21.65 -13.57 25.30
C LEU B 89 21.83 -12.92 26.67
N GLN B 90 20.77 -12.28 27.16
CA GLN B 90 20.83 -11.59 28.43
C GLN B 90 19.46 -11.16 28.90
N LEU B 91 19.38 -10.72 30.15
CA LEU B 91 18.13 -10.24 30.69
C LEU B 91 18.47 -9.00 31.51
N HIS B 92 17.52 -8.08 31.61
CA HIS B 92 17.73 -6.86 32.37
C HIS B 92 16.37 -6.39 32.84
N LEU B 93 16.36 -5.34 33.66
CA LEU B 93 15.11 -4.84 34.22
C LEU B 93 14.88 -3.36 33.99
N HIS B 94 13.62 -2.95 34.12
CA HIS B 94 13.23 -1.55 33.99
C HIS B 94 12.36 -1.29 35.23
N TRP B 95 12.61 -0.20 35.93
CA TRP B 95 11.86 0.10 37.15
C TRP B 95 11.64 1.60 37.35
N GLY B 96 10.88 1.95 38.38
CA GLY B 96 10.59 3.36 38.64
C GLY B 96 11.34 3.97 39.81
N ALA B 97 10.58 4.41 40.81
CA ALA B 97 11.15 5.02 42.01
C ALA B 97 10.13 4.98 43.13
N ALA B 98 10.48 5.52 44.30
CA ALA B 98 9.57 5.53 45.43
C ALA B 98 8.22 6.11 45.01
N GLY B 99 7.17 5.31 45.14
CA GLY B 99 5.83 5.76 44.79
C GLY B 99 5.57 5.91 43.29
N ARG B 100 6.44 5.36 42.45
CA ARG B 100 6.26 5.48 41.01
C ARG B 100 6.58 4.19 40.24
N PRO B 101 5.59 3.64 39.53
CA PRO B 101 5.79 2.41 38.76
C PRO B 101 6.79 2.66 37.62
N GLY B 102 7.43 1.60 37.13
CA GLY B 102 8.41 1.77 36.07
C GLY B 102 8.45 0.77 34.93
N SER B 103 7.38 0.00 34.71
CA SER B 103 7.39 -0.95 33.60
C SER B 103 7.44 -0.16 32.29
N GLU B 104 7.85 -0.81 31.21
CA GLU B 104 7.90 -0.15 29.92
C GLU B 104 6.54 -0.25 29.25
N HIS B 105 6.04 -1.47 29.11
CA HIS B 105 4.73 -1.63 28.51
C HIS B 105 3.68 -1.33 29.57
N THR B 106 2.48 -0.98 29.13
CA THR B 106 1.38 -0.70 30.03
C THR B 106 0.19 -1.49 29.52
N VAL B 107 -0.78 -1.76 30.40
CA VAL B 107 -1.97 -2.49 30.01
C VAL B 107 -3.18 -1.64 30.37
N GLU B 108 -3.91 -1.21 29.34
CA GLU B 108 -5.09 -0.37 29.53
C GLU B 108 -4.67 0.90 30.29
N GLY B 109 -3.49 1.42 29.96
CA GLY B 109 -2.99 2.62 30.61
C GLY B 109 -2.31 2.41 31.95
N HIS B 110 -2.40 1.20 32.49
CA HIS B 110 -1.78 0.91 33.78
C HIS B 110 -0.31 0.53 33.68
N ARG B 111 0.53 1.24 34.42
CA ARG B 111 1.95 0.95 34.45
C ARG B 111 2.22 0.12 35.70
N PHE B 112 2.98 -0.95 35.54
CA PHE B 112 3.31 -1.83 36.65
C PHE B 112 4.59 -1.38 37.34
N PRO B 113 4.82 -1.85 38.57
CA PRO B 113 6.03 -1.47 39.31
C PRO B 113 7.31 -1.64 38.49
N ALA B 114 7.48 -2.80 37.87
CA ALA B 114 8.68 -3.05 37.09
C ALA B 114 8.45 -4.05 35.96
N GLU B 115 9.48 -4.30 35.17
CA GLU B 115 9.36 -5.21 34.04
C GLU B 115 10.70 -5.87 33.76
N ILE B 116 10.69 -7.17 33.44
CA ILE B 116 11.92 -7.87 33.14
C ILE B 116 11.93 -8.19 31.64
N HIS B 117 13.10 -8.09 31.03
CA HIS B 117 13.26 -8.38 29.60
C HIS B 117 14.33 -9.44 29.38
N VAL B 118 13.98 -10.49 28.65
CA VAL B 118 14.94 -11.54 28.34
C VAL B 118 15.13 -11.45 26.83
N VAL B 119 16.30 -10.98 26.41
CA VAL B 119 16.63 -10.78 25.00
C VAL B 119 17.17 -12.03 24.32
N HIS B 120 16.58 -12.39 23.17
CA HIS B 120 16.98 -13.56 22.41
C HIS B 120 17.45 -13.22 20.98
N LEU B 121 18.32 -14.06 20.44
CA LEU B 121 18.84 -13.89 19.09
C LEU B 121 18.39 -15.07 18.23
N SER B 122 17.83 -14.77 17.06
CA SER B 122 17.39 -15.83 16.15
C SER B 122 18.58 -16.71 15.79
N THR B 123 18.37 -18.02 15.76
CA THR B 123 19.44 -18.96 15.41
C THR B 123 19.90 -18.78 13.97
N ALA B 124 19.17 -17.98 13.19
CA ALA B 124 19.54 -17.74 11.81
C ALA B 124 20.65 -16.68 11.70
N PHE B 125 20.92 -16.00 12.80
CA PHE B 125 21.96 -14.97 12.83
C PHE B 125 23.05 -15.36 13.83
N ALA B 126 24.31 -15.24 13.40
CA ALA B 126 25.43 -15.59 14.26
C ALA B 126 25.70 -14.52 15.31
N ARG B 127 25.47 -13.27 14.96
CA ARG B 127 25.72 -12.16 15.87
C ARG B 127 24.58 -11.15 15.90
N VAL B 128 24.51 -10.42 17.01
CA VAL B 128 23.49 -9.40 17.20
C VAL B 128 23.54 -8.31 16.13
N ASP B 129 24.74 -7.86 15.77
CA ASP B 129 24.85 -6.79 14.77
C ASP B 129 24.23 -7.19 13.43
N GLU B 130 24.14 -8.49 13.18
CA GLU B 130 23.57 -8.98 11.92
C GLU B 130 22.03 -8.99 12.03
N ALA B 131 21.54 -9.17 13.26
CA ALA B 131 20.10 -9.24 13.49
C ALA B 131 19.41 -7.89 13.65
N LEU B 132 20.14 -6.88 14.11
CA LEU B 132 19.56 -5.55 14.32
C LEU B 132 18.85 -5.03 13.09
N GLY B 133 17.59 -4.63 13.24
CA GLY B 133 16.83 -4.09 12.13
C GLY B 133 16.23 -5.13 11.20
N ARG B 134 16.63 -6.39 11.36
CA ARG B 134 16.10 -7.46 10.51
C ARG B 134 14.83 -8.04 11.16
N PRO B 135 13.79 -8.30 10.36
CA PRO B 135 12.55 -8.85 10.90
C PRO B 135 12.73 -10.14 11.68
N GLY B 136 12.30 -10.12 12.95
CA GLY B 136 12.40 -11.29 13.80
C GLY B 136 13.82 -11.67 14.19
N GLY B 137 14.79 -10.83 13.88
CA GLY B 137 16.17 -11.13 14.23
C GLY B 137 16.34 -11.21 15.73
N LEU B 138 15.67 -10.32 16.43
CA LEU B 138 15.71 -10.28 17.88
C LEU B 138 14.29 -10.47 18.40
N ALA B 139 14.18 -11.20 19.51
CA ALA B 139 12.89 -11.45 20.14
C ALA B 139 13.09 -11.25 21.63
N VAL B 140 12.21 -10.46 22.24
CA VAL B 140 12.30 -10.20 23.66
C VAL B 140 11.08 -10.74 24.40
N LEU B 141 11.31 -11.40 25.53
CA LEU B 141 10.20 -11.89 26.34
C LEU B 141 10.09 -10.88 27.48
N ALA B 142 8.90 -10.35 27.70
CA ALA B 142 8.69 -9.37 28.75
C ALA B 142 7.63 -9.81 29.73
N ALA B 143 7.90 -9.59 31.01
CA ALA B 143 6.97 -9.93 32.07
C ALA B 143 6.91 -8.78 33.07
N PHE B 144 5.72 -8.49 33.56
CA PHE B 144 5.53 -7.42 34.53
C PHE B 144 5.79 -7.92 35.95
N LEU B 145 6.44 -7.09 36.76
CA LEU B 145 6.70 -7.45 38.14
C LEU B 145 5.73 -6.63 39.00
N GLU B 146 4.90 -7.32 39.78
CA GLU B 146 3.92 -6.67 40.65
C GLU B 146 4.26 -6.85 42.12
N GLU B 147 3.69 -5.97 42.94
CA GLU B 147 3.92 -6.01 44.38
C GLU B 147 3.02 -7.08 44.99
N GLY B 148 3.60 -7.91 45.85
CA GLY B 148 2.87 -8.97 46.50
C GLY B 148 3.28 -9.10 47.96
N PRO B 149 2.50 -9.81 48.79
CA PRO B 149 2.81 -9.99 50.21
C PRO B 149 3.98 -10.93 50.47
N GLU B 150 4.26 -11.80 49.53
CA GLU B 150 5.32 -12.79 49.66
C GLU B 150 6.60 -12.40 48.93
N GLU B 151 7.75 -12.68 49.55
CA GLU B 151 9.02 -12.35 48.91
C GLU B 151 9.33 -13.41 47.85
N ASN B 152 9.85 -12.96 46.72
CA ASN B 152 10.17 -13.86 45.60
C ASN B 152 11.58 -14.42 45.72
N SER B 153 11.68 -15.74 45.82
CA SER B 153 12.97 -16.41 45.96
C SER B 153 13.85 -16.31 44.73
N ALA B 154 13.25 -16.45 43.55
CA ALA B 154 14.01 -16.38 42.31
C ALA B 154 14.69 -15.02 42.18
N TYR B 155 13.91 -13.96 42.39
CA TYR B 155 14.47 -12.62 42.29
C TYR B 155 15.43 -12.26 43.42
N GLU B 156 15.33 -12.96 44.54
CA GLU B 156 16.22 -12.71 45.67
C GLU B 156 17.66 -12.91 45.25
N GLN B 157 17.87 -13.82 44.31
CA GLN B 157 19.22 -14.10 43.83
C GLN B 157 19.85 -12.92 43.10
N LEU B 158 19.02 -12.07 42.52
CA LEU B 158 19.52 -10.90 41.79
C LEU B 158 19.51 -9.66 42.68
N LEU B 159 18.39 -9.44 43.36
CA LEU B 159 18.24 -8.28 44.20
C LEU B 159 19.27 -8.20 45.33
N SER B 160 19.65 -9.34 45.90
CA SER B 160 20.61 -9.36 46.99
C SER B 160 22.04 -9.09 46.51
N ARG B 161 22.23 -9.02 45.20
CA ARG B 161 23.56 -8.77 44.64
C ARG B 161 23.73 -7.35 44.14
N LEU B 162 22.63 -6.59 44.08
CA LEU B 162 22.68 -5.23 43.58
C LEU B 162 23.65 -4.35 44.36
N GLU B 163 23.65 -4.47 45.68
CA GLU B 163 24.53 -3.66 46.50
C GLU B 163 26.00 -3.85 46.12
N GLU B 164 26.37 -5.06 45.68
CA GLU B 164 27.73 -5.33 45.29
C GLU B 164 28.13 -4.53 44.04
N ILE B 165 27.14 -4.16 43.24
CA ILE B 165 27.40 -3.41 42.01
C ILE B 165 26.67 -2.07 42.00
N ALA B 166 26.56 -1.46 43.18
CA ALA B 166 25.88 -0.17 43.31
C ALA B 166 26.46 0.91 42.41
N GLU B 167 27.77 1.02 42.35
CA GLU B 167 28.38 2.06 41.54
C GLU B 167 28.29 1.76 40.06
N GLU B 168 27.96 2.78 39.28
CA GLU B 168 27.82 2.66 37.83
C GLU B 168 29.06 2.03 37.20
N GLY B 169 28.83 1.08 36.29
CA GLY B 169 29.92 0.43 35.61
C GLY B 169 30.51 -0.78 36.32
N SER B 170 30.12 -1.00 37.57
CA SER B 170 30.66 -2.15 38.30
C SER B 170 29.93 -3.44 37.93
N GLU B 171 30.60 -4.56 38.14
CA GLU B 171 30.04 -5.87 37.83
C GLU B 171 30.50 -6.89 38.86
N THR B 172 29.87 -8.06 38.85
CA THR B 172 30.22 -9.12 39.76
C THR B 172 29.72 -10.45 39.22
N GLN B 173 30.33 -11.54 39.67
CA GLN B 173 29.92 -12.87 39.23
C GLN B 173 28.93 -13.41 40.25
N VAL B 174 27.84 -14.00 39.78
CA VAL B 174 26.83 -14.57 40.66
C VAL B 174 26.62 -16.06 40.33
N PRO B 175 26.18 -16.85 41.32
CA PRO B 175 25.95 -18.27 41.10
C PRO B 175 24.89 -18.54 40.02
N GLY B 176 24.97 -19.70 39.39
CA GLY B 176 23.99 -20.04 38.37
C GLY B 176 22.64 -20.09 39.07
N LEU B 177 21.58 -19.81 38.32
CA LEU B 177 20.22 -19.83 38.88
C LEU B 177 19.25 -20.33 37.82
N ASP B 178 18.05 -20.68 38.24
CA ASP B 178 17.03 -21.13 37.31
C ASP B 178 16.43 -19.88 36.69
N ILE B 179 16.84 -19.57 35.47
CA ILE B 179 16.35 -18.38 34.77
C ILE B 179 14.84 -18.43 34.53
N SER B 180 14.31 -19.62 34.24
CA SER B 180 12.87 -19.75 33.97
C SER B 180 12.00 -19.47 35.19
N ALA B 181 12.59 -19.54 36.39
CA ALA B 181 11.84 -19.27 37.61
C ALA B 181 11.54 -17.78 37.78
N LEU B 182 12.17 -16.95 36.95
CA LEU B 182 11.95 -15.51 37.01
C LEU B 182 10.73 -15.14 36.18
N LEU B 183 10.17 -16.11 35.46
CA LEU B 183 9.04 -15.87 34.57
C LEU B 183 7.69 -16.35 35.10
N PRO B 184 6.58 -15.82 34.51
CA PRO B 184 5.20 -16.17 34.88
C PRO B 184 4.91 -17.67 34.82
N SER B 185 3.79 -18.08 35.40
N SER B 185 3.78 -18.05 35.40
CA SER B 185 3.42 -19.49 35.42
CA SER B 185 3.36 -19.45 35.45
C SER B 185 2.88 -20.07 34.12
C SER B 185 2.87 -20.05 34.13
N ASP B 186 2.13 -19.29 33.35
CA ASP B 186 1.56 -19.78 32.10
C ASP B 186 2.24 -19.27 30.81
N PHE B 187 2.93 -20.16 30.10
CA PHE B 187 3.61 -19.79 28.86
C PHE B 187 2.69 -19.80 27.63
N SER B 188 1.41 -20.05 27.85
CA SER B 188 0.46 -20.08 26.73
C SER B 188 -0.38 -18.80 26.62
N ARG B 189 -0.29 -17.93 27.63
CA ARG B 189 -1.06 -16.68 27.66
C ARG B 189 -0.15 -15.47 27.50
N TYR B 190 -0.18 -14.86 26.32
CA TYR B 190 0.66 -13.70 26.06
C TYR B 190 0.18 -12.85 24.90
N PHE B 191 0.71 -11.64 24.82
CA PHE B 191 0.41 -10.71 23.73
C PHE B 191 1.67 -10.68 22.87
N GLN B 192 1.52 -10.42 21.58
CA GLN B 192 2.68 -10.38 20.70
C GLN B 192 2.50 -9.33 19.63
N TYR B 193 3.58 -8.63 19.30
CA TYR B 193 3.54 -7.60 18.27
C TYR B 193 4.97 -7.31 17.83
N GLU B 194 5.12 -6.60 16.71
CA GLU B 194 6.43 -6.27 16.23
C GLU B 194 6.75 -4.81 16.53
N GLY B 195 7.94 -4.58 17.08
CA GLY B 195 8.33 -3.23 17.43
C GLY B 195 9.82 -3.00 17.33
N SER B 196 10.37 -2.33 18.33
CA SER B 196 11.79 -2.01 18.34
C SER B 196 12.43 -2.20 19.71
N LEU B 197 13.73 -1.96 19.77
CA LEU B 197 14.44 -2.03 21.04
C LEU B 197 13.93 -0.77 21.73
N THR B 198 13.84 -0.78 23.06
CA THR B 198 13.34 0.38 23.79
C THR B 198 14.43 1.39 24.16
N THR B 199 15.66 1.11 23.76
CA THR B 199 16.78 2.01 24.03
C THR B 199 17.57 2.10 22.74
N PRO B 200 18.31 3.20 22.52
CA PRO B 200 19.10 3.33 21.28
C PRO B 200 19.90 2.04 21.09
N PRO B 201 20.13 1.63 19.83
CA PRO B 201 19.71 2.21 18.55
C PRO B 201 18.22 2.09 18.17
N CYS B 202 17.41 1.58 19.08
CA CYS B 202 15.98 1.44 18.82
C CYS B 202 15.67 0.72 17.50
N ALA B 203 16.53 -0.21 17.09
CA ALA B 203 16.32 -0.93 15.85
C ALA B 203 14.94 -1.58 15.81
N GLN B 204 14.29 -1.54 14.65
CA GLN B 204 12.96 -2.14 14.51
C GLN B 204 13.07 -3.62 14.11
N GLY B 205 11.93 -4.26 13.90
CA GLY B 205 11.93 -5.66 13.53
C GLY B 205 12.02 -6.61 14.72
N VAL B 206 11.87 -6.07 15.93
CA VAL B 206 11.94 -6.88 17.14
C VAL B 206 10.58 -7.49 17.47
N ILE B 207 10.57 -8.80 17.73
CA ILE B 207 9.31 -9.45 18.09
C ILE B 207 9.16 -9.40 19.60
N TRP B 208 8.12 -8.70 20.06
CA TRP B 208 7.85 -8.59 21.49
C TRP B 208 6.77 -9.55 21.92
N THR B 209 7.03 -10.26 23.02
CA THR B 209 6.07 -11.21 23.59
C THR B 209 5.92 -10.80 25.05
N VAL B 210 4.72 -10.37 25.41
CA VAL B 210 4.45 -9.90 26.76
C VAL B 210 3.50 -10.86 27.47
N PHE B 211 4.00 -11.50 28.53
CA PHE B 211 3.19 -12.45 29.28
C PHE B 211 1.97 -11.77 29.86
N ASN B 212 0.85 -12.49 29.84
CA ASN B 212 -0.38 -11.97 30.38
C ASN B 212 -0.38 -12.07 31.91
N GLN B 213 0.33 -13.07 32.42
CA GLN B 213 0.42 -13.26 33.87
C GLN B 213 1.66 -12.56 34.37
N THR B 214 1.60 -12.05 35.59
CA THR B 214 2.72 -11.33 36.18
C THR B 214 3.43 -12.18 37.24
N VAL B 215 4.51 -11.64 37.77
CA VAL B 215 5.26 -12.30 38.84
C VAL B 215 5.23 -11.30 39.99
N MET B 216 5.20 -11.81 41.21
CA MET B 216 5.16 -10.93 42.37
C MET B 216 6.44 -10.86 43.17
N LEU B 217 6.75 -9.65 43.60
CA LEU B 217 7.90 -9.37 44.43
C LEU B 217 7.34 -8.63 45.64
N SER B 218 8.04 -8.68 46.77
CA SER B 218 7.56 -7.99 47.95
C SER B 218 7.82 -6.50 47.80
N ALA B 219 7.16 -5.69 48.62
CA ALA B 219 7.33 -4.25 48.57
C ALA B 219 8.80 -3.93 48.83
N LYS B 220 9.40 -4.69 49.73
CA LYS B 220 10.80 -4.51 50.08
C LYS B 220 11.73 -4.81 48.89
N GLN B 221 11.42 -5.90 48.17
CA GLN B 221 12.24 -6.26 47.01
C GLN B 221 12.15 -5.20 45.93
N LEU B 222 10.95 -4.69 45.69
CA LEU B 222 10.77 -3.66 44.69
C LEU B 222 11.54 -2.40 45.08
N HIS B 223 11.62 -2.15 46.39
CA HIS B 223 12.36 -0.99 46.87
C HIS B 223 13.84 -1.21 46.61
N THR B 224 14.31 -2.44 46.87
CA THR B 224 15.71 -2.78 46.65
C THR B 224 16.08 -2.64 45.18
N LEU B 225 15.17 -3.05 44.30
CA LEU B 225 15.42 -2.99 42.86
C LEU B 225 15.52 -1.56 42.31
N SER B 226 14.70 -0.67 42.84
CA SER B 226 14.67 0.71 42.36
C SER B 226 15.39 1.76 43.19
N ASP B 227 16.17 1.34 44.17
CA ASP B 227 16.85 2.34 45.01
C ASP B 227 18.23 1.91 45.49
N THR B 228 18.88 1.02 44.74
CA THR B 228 20.21 0.54 45.13
C THR B 228 21.30 0.99 44.18
N LEU B 229 21.10 0.79 42.89
CA LEU B 229 22.10 1.14 41.88
C LEU B 229 22.23 2.64 41.61
N TRP B 230 23.45 3.06 41.31
CA TRP B 230 23.71 4.46 40.99
C TRP B 230 23.78 4.57 39.47
N GLY B 231 23.11 5.57 38.93
CA GLY B 231 23.11 5.77 37.49
C GLY B 231 24.09 6.85 37.11
N PRO B 232 23.96 7.43 35.92
CA PRO B 232 24.88 8.48 35.48
C PRO B 232 24.65 9.78 36.26
N GLY B 233 25.73 10.49 36.56
CA GLY B 233 25.61 11.76 37.26
C GLY B 233 25.39 11.69 38.76
N ASP B 234 26.05 10.75 39.43
CA ASP B 234 25.92 10.60 40.87
C ASP B 234 24.47 10.69 41.34
N SER B 235 23.59 9.94 40.69
CA SER B 235 22.19 9.92 41.06
C SER B 235 21.66 8.48 40.97
N ARG B 236 20.72 8.14 41.83
CA ARG B 236 20.15 6.79 41.83
C ARG B 236 19.59 6.43 40.46
N LEU B 237 19.91 5.23 39.98
CA LEU B 237 19.41 4.78 38.69
C LEU B 237 17.93 4.47 38.89
N GLN B 238 17.06 5.35 38.40
CA GLN B 238 15.63 5.16 38.57
C GLN B 238 14.85 5.59 37.34
N LEU B 239 13.58 5.19 37.29
CA LEU B 239 12.73 5.56 36.16
C LEU B 239 13.42 5.26 34.84
N ASN B 240 14.09 4.12 34.76
CA ASN B 240 14.81 3.74 33.55
C ASN B 240 13.90 3.01 32.56
N PHE B 241 12.89 3.73 32.07
CA PHE B 241 11.94 3.19 31.11
C PHE B 241 11.57 4.25 30.08
N ARG B 242 11.15 3.81 28.91
CA ARG B 242 10.77 4.70 27.82
C ARG B 242 9.26 4.90 27.83
N ALA B 243 8.80 6.09 27.45
CA ALA B 243 7.37 6.36 27.40
C ALA B 243 6.76 5.47 26.31
N THR B 244 5.49 5.09 26.47
CA THR B 244 4.86 4.23 25.48
C THR B 244 4.78 4.92 24.13
N GLN B 245 4.89 4.13 23.07
CA GLN B 245 4.86 4.61 21.71
C GLN B 245 3.55 4.20 21.04
N PRO B 246 3.04 5.03 20.12
CA PRO B 246 1.79 4.71 19.42
C PRO B 246 1.91 3.46 18.55
N LEU B 247 0.84 2.68 18.49
CA LEU B 247 0.83 1.47 17.67
C LEU B 247 0.90 1.84 16.20
N ASN B 248 0.35 3.01 15.87
CA ASN B 248 0.33 3.52 14.51
C ASN B 248 -0.17 2.48 13.50
N GLY B 249 -1.27 1.81 13.81
CA GLY B 249 -1.80 0.84 12.87
C GLY B 249 -1.48 -0.61 13.17
N ARG B 250 -0.43 -0.85 13.94
CA ARG B 250 -0.07 -2.21 14.30
C ARG B 250 -1.19 -2.80 15.15
N VAL B 251 -1.43 -4.10 14.98
CA VAL B 251 -2.46 -4.78 15.74
C VAL B 251 -1.77 -5.78 16.66
N ILE B 252 -2.02 -5.66 17.96
CA ILE B 252 -1.42 -6.59 18.92
C ILE B 252 -2.20 -7.90 18.91
N GLU B 253 -1.49 -9.02 18.93
CA GLU B 253 -2.14 -10.32 18.94
C GLU B 253 -2.14 -10.93 20.34
N ALA B 254 -3.18 -11.71 20.63
CA ALA B 254 -3.31 -12.38 21.91
C ALA B 254 -3.35 -13.88 21.65
N SER B 255 -2.66 -14.65 22.47
CA SER B 255 -2.59 -16.09 22.32
C SER B 255 -3.78 -16.78 23.00
N PHE B 256 -4.69 -15.98 23.54
CA PHE B 256 -5.86 -16.50 24.23
C PHE B 256 -7.10 -15.68 23.87
N PRO B 257 -8.27 -16.31 23.86
CA PRO B 257 -9.55 -15.66 23.54
C PRO B 257 -9.99 -14.67 24.61
N HIS C 6 -4.44 -3.73 -38.23
CA HIS C 6 -5.32 -2.88 -37.39
C HIS C 6 -6.14 -3.78 -36.46
N TRP C 7 -6.34 -3.36 -35.22
CA TRP C 7 -7.10 -4.16 -34.26
C TRP C 7 -8.53 -4.38 -34.71
N ARG C 8 -9.18 -5.39 -34.14
CA ARG C 8 -10.56 -5.72 -34.48
C ARG C 8 -11.20 -6.50 -33.35
N TYR C 9 -12.50 -6.77 -33.48
CA TYR C 9 -13.22 -7.54 -32.47
C TYR C 9 -13.22 -9.03 -32.84
N GLY C 10 -13.06 -9.88 -31.82
CA GLY C 10 -13.07 -11.32 -32.03
C GLY C 10 -11.95 -11.92 -32.88
N GLY C 11 -10.75 -11.35 -32.80
CA GLY C 11 -9.66 -11.88 -33.59
C GLY C 11 -8.36 -11.11 -33.48
N ASP C 12 -7.28 -11.70 -33.96
CA ASP C 12 -5.96 -11.06 -33.92
C ASP C 12 -5.99 -9.74 -34.66
N PRO C 13 -5.02 -8.85 -34.39
CA PRO C 13 -3.91 -9.04 -33.43
C PRO C 13 -4.33 -8.89 -31.97
N PRO C 14 -3.63 -9.58 -31.06
CA PRO C 14 -3.94 -9.52 -29.62
C PRO C 14 -3.87 -8.05 -29.18
N TRP C 15 -4.90 -7.58 -28.50
CA TRP C 15 -4.91 -6.19 -28.05
C TRP C 15 -3.67 -5.78 -27.25
N PRO C 16 -3.17 -6.65 -26.35
CA PRO C 16 -1.98 -6.27 -25.58
C PRO C 16 -0.79 -6.03 -26.50
N ARG C 17 -0.80 -6.65 -27.67
CA ARG C 17 0.27 -6.46 -28.65
C ARG C 17 0.10 -5.10 -29.28
N VAL C 18 -1.15 -4.71 -29.52
CA VAL C 18 -1.44 -3.41 -30.11
C VAL C 18 -1.12 -2.33 -29.09
N SER C 19 -1.49 -2.57 -27.83
CA SER C 19 -1.23 -1.61 -26.76
C SER C 19 -1.14 -2.32 -25.41
N PRO C 20 0.02 -2.23 -24.75
CA PRO C 20 0.24 -2.86 -23.45
C PRO C 20 -0.85 -2.50 -22.43
N ALA C 21 -1.34 -1.27 -22.52
CA ALA C 21 -2.38 -0.80 -21.60
C ALA C 21 -3.64 -1.67 -21.65
N CYS C 22 -3.86 -2.37 -22.75
CA CYS C 22 -5.05 -3.23 -22.84
C CYS C 22 -4.98 -4.41 -21.88
N ALA C 23 -3.84 -4.57 -21.22
CA ALA C 23 -3.67 -5.65 -20.25
C ALA C 23 -3.53 -5.05 -18.85
N GLY C 24 -3.93 -3.80 -18.71
CA GLY C 24 -3.86 -3.13 -17.41
C GLY C 24 -4.79 -3.80 -16.41
N ARG C 25 -4.56 -3.53 -15.12
CA ARG C 25 -5.38 -4.13 -14.08
C ARG C 25 -6.74 -3.45 -13.90
N PHE C 26 -6.85 -2.21 -14.35
CA PHE C 26 -8.10 -1.46 -14.19
C PHE C 26 -8.70 -1.00 -15.51
N GLN C 27 -9.32 -1.95 -16.22
CA GLN C 27 -9.92 -1.67 -17.51
C GLN C 27 -11.43 -1.52 -17.47
N SER C 28 -11.98 -1.16 -18.62
CA SER C 28 -13.41 -1.00 -18.82
C SER C 28 -13.73 -1.85 -20.05
N PRO C 29 -15.00 -2.27 -20.22
CA PRO C 29 -16.14 -2.00 -19.34
C PRO C 29 -16.17 -2.97 -18.17
N VAL C 30 -17.11 -2.77 -17.25
CA VAL C 30 -17.23 -3.62 -16.09
C VAL C 30 -18.70 -3.97 -15.83
N ASP C 31 -18.90 -4.93 -14.95
CA ASP C 31 -20.25 -5.33 -14.57
C ASP C 31 -20.58 -4.50 -13.33
N ILE C 32 -21.72 -3.82 -13.38
CA ILE C 32 -22.15 -2.99 -12.27
C ILE C 32 -23.16 -3.71 -11.40
N ARG C 33 -22.85 -3.86 -10.12
CA ARG C 33 -23.76 -4.50 -9.18
C ARG C 33 -24.27 -3.37 -8.28
N PRO C 34 -25.47 -2.84 -8.58
CA PRO C 34 -26.11 -1.75 -7.85
C PRO C 34 -26.01 -1.83 -6.33
N GLN C 35 -26.22 -3.02 -5.78
CA GLN C 35 -26.16 -3.22 -4.33
C GLN C 35 -24.77 -2.97 -3.76
N LEU C 36 -23.73 -3.20 -4.57
CA LEU C 36 -22.36 -3.01 -4.10
C LEU C 36 -21.80 -1.64 -4.46
N ALA C 37 -22.63 -0.80 -5.05
CA ALA C 37 -22.20 0.55 -5.41
C ALA C 37 -22.24 1.41 -4.15
N ALA C 38 -21.25 2.29 -4.00
CA ALA C 38 -21.20 3.15 -2.83
C ALA C 38 -21.95 4.45 -3.07
N PHE C 39 -22.98 4.71 -2.27
CA PHE C 39 -23.74 5.94 -2.38
C PHE C 39 -22.76 7.06 -2.04
N SER C 40 -22.57 8.00 -2.95
CA SER C 40 -21.65 9.11 -2.73
C SER C 40 -22.37 10.44 -2.91
N PRO C 41 -22.88 11.01 -1.81
CA PRO C 41 -23.61 12.28 -1.80
C PRO C 41 -22.91 13.44 -2.52
N ALA C 42 -21.60 13.35 -2.69
CA ALA C 42 -20.86 14.42 -3.35
C ALA C 42 -21.07 14.45 -4.86
N LEU C 43 -21.63 13.38 -5.41
CA LEU C 43 -21.88 13.31 -6.85
C LEU C 43 -23.11 14.14 -7.20
N ARG C 44 -22.89 15.30 -7.80
CA ARG C 44 -24.00 16.19 -8.17
C ARG C 44 -24.51 15.91 -9.58
N PRO C 45 -25.67 16.50 -9.94
CA PRO C 45 -26.23 16.28 -11.28
C PRO C 45 -25.26 16.72 -12.37
N LEU C 46 -25.18 15.93 -13.43
CA LEU C 46 -24.30 16.26 -14.55
C LEU C 46 -24.82 17.52 -15.21
N GLU C 47 -23.91 18.35 -15.72
CA GLU C 47 -24.31 19.57 -16.40
C GLU C 47 -23.80 19.50 -17.84
N LEU C 48 -24.73 19.62 -18.79
CA LEU C 48 -24.40 19.58 -20.21
C LEU C 48 -25.03 20.78 -20.91
N LEU C 49 -24.20 21.74 -21.32
CA LEU C 49 -24.69 22.93 -22.00
C LEU C 49 -24.13 23.00 -23.41
N GLY C 50 -24.87 23.64 -24.32
CA GLY C 50 -24.42 23.76 -25.69
C GLY C 50 -24.67 22.53 -26.55
N PHE C 51 -25.39 21.55 -26.01
CA PHE C 51 -25.66 20.31 -26.76
C PHE C 51 -26.80 20.41 -27.79
N GLN C 52 -27.61 21.46 -27.70
CA GLN C 52 -28.74 21.64 -28.62
C GLN C 52 -28.23 22.35 -29.88
N LEU C 53 -27.66 21.58 -30.80
CA LEU C 53 -27.10 22.14 -32.02
C LEU C 53 -28.14 22.55 -33.06
N PRO C 54 -27.88 23.65 -33.77
CA PRO C 54 -28.80 24.14 -34.81
C PRO C 54 -28.63 23.27 -36.06
N PRO C 55 -29.54 23.40 -37.04
CA PRO C 55 -29.47 22.60 -38.26
C PRO C 55 -28.13 22.68 -39.01
N LEU C 56 -27.50 23.85 -38.95
CA LEU C 56 -26.22 24.07 -39.62
C LEU C 56 -25.24 24.67 -38.61
N PRO C 57 -23.94 24.38 -38.75
CA PRO C 57 -23.33 23.53 -39.79
C PRO C 57 -23.60 22.04 -39.56
N GLU C 58 -23.34 21.25 -40.60
CA GLU C 58 -23.55 19.82 -40.52
C GLU C 58 -22.43 19.13 -39.74
N LEU C 59 -22.66 17.87 -39.37
CA LEU C 59 -21.67 17.10 -38.63
C LEU C 59 -21.27 15.85 -39.41
N ARG C 60 -20.02 15.44 -39.26
CA ARG C 60 -19.54 14.25 -39.93
C ARG C 60 -19.96 12.98 -39.20
N LEU C 61 -20.53 12.05 -39.95
CA LEU C 61 -20.95 10.77 -39.41
C LEU C 61 -20.11 9.75 -40.19
N ARG C 62 -19.35 8.92 -39.48
CA ARG C 62 -18.47 7.98 -40.15
C ARG C 62 -18.50 6.54 -39.67
N ASN C 63 -18.33 5.62 -40.63
CA ASN C 63 -18.27 4.19 -40.36
C ASN C 63 -16.76 3.93 -40.36
N ASN C 64 -16.17 3.80 -39.17
CA ASN C 64 -14.73 3.57 -39.09
C ASN C 64 -14.33 2.11 -38.99
N GLY C 65 -15.29 1.21 -39.22
CA GLY C 65 -14.96 -0.20 -39.14
C GLY C 65 -15.27 -0.86 -37.81
N HIS C 66 -15.20 -0.09 -36.72
N HIS C 66 -15.26 -0.09 -36.72
CA HIS C 66 -15.50 -0.63 -35.40
CA HIS C 66 -15.55 -0.67 -35.41
C HIS C 66 -16.73 0.01 -34.75
C HIS C 66 -16.83 -0.07 -34.81
N SER C 67 -17.33 0.98 -35.43
CA SER C 67 -18.53 1.66 -34.95
C SER C 67 -18.90 2.80 -35.89
N VAL C 68 -20.01 3.47 -35.59
CA VAL C 68 -20.42 4.64 -36.36
C VAL C 68 -20.11 5.77 -35.39
N GLN C 69 -19.28 6.71 -35.81
CA GLN C 69 -18.88 7.82 -34.96
C GLN C 69 -19.33 9.17 -35.49
N LEU C 70 -19.88 9.99 -34.58
CA LEU C 70 -20.34 11.33 -34.92
C LEU C 70 -19.38 12.35 -34.35
N THR C 71 -18.79 13.17 -35.21
CA THR C 71 -17.87 14.20 -34.76
C THR C 71 -18.64 15.40 -34.22
N LEU C 72 -18.34 15.77 -32.98
CA LEU C 72 -19.00 16.90 -32.34
C LEU C 72 -18.16 18.16 -32.45
N PRO C 73 -18.82 19.32 -32.60
CA PRO C 73 -18.11 20.60 -32.72
C PRO C 73 -17.75 21.17 -31.36
N PRO C 74 -16.99 22.28 -31.35
CA PRO C 74 -16.58 22.92 -30.10
C PRO C 74 -17.84 23.53 -29.48
N GLY C 75 -17.84 23.76 -28.18
CA GLY C 75 -19.01 24.37 -27.56
C GLY C 75 -19.89 23.49 -26.70
N LEU C 76 -19.72 22.17 -26.78
CA LEU C 76 -20.53 21.28 -25.95
C LEU C 76 -19.79 21.12 -24.63
N GLU C 77 -20.18 21.92 -23.65
CA GLU C 77 -19.54 21.92 -22.35
C GLU C 77 -20.22 21.01 -21.35
N MET C 78 -19.42 20.26 -20.60
CA MET C 78 -19.94 19.32 -19.62
C MET C 78 -19.14 19.41 -18.33
N ALA C 79 -19.82 19.24 -17.20
CA ALA C 79 -19.15 19.29 -15.91
C ALA C 79 -19.53 18.07 -15.08
N LEU C 80 -18.53 17.43 -14.48
CA LEU C 80 -18.78 16.27 -13.63
C LEU C 80 -18.99 16.77 -12.21
N GLY C 81 -18.59 18.02 -11.97
CA GLY C 81 -18.72 18.62 -10.66
C GLY C 81 -18.21 20.06 -10.73
N PRO C 82 -18.29 20.82 -9.64
CA PRO C 82 -17.81 22.21 -9.63
C PRO C 82 -16.35 22.33 -10.06
N GLY C 83 -16.09 23.12 -11.09
CA GLY C 83 -14.73 23.31 -11.56
C GLY C 83 -14.09 22.12 -12.27
N ARG C 84 -14.90 21.12 -12.60
CA ARG C 84 -14.39 19.93 -13.29
C ARG C 84 -15.08 19.87 -14.64
N GLU C 85 -14.60 20.71 -15.55
CA GLU C 85 -15.19 20.82 -16.87
C GLU C 85 -14.53 20.07 -18.02
N TYR C 86 -15.36 19.70 -18.98
CA TYR C 86 -14.95 18.96 -20.16
C TYR C 86 -15.69 19.51 -21.38
N ARG C 87 -15.27 19.09 -22.56
CA ARG C 87 -15.92 19.48 -23.81
C ARG C 87 -16.06 18.18 -24.59
N ALA C 88 -17.22 17.99 -25.23
CA ALA C 88 -17.46 16.77 -25.99
C ALA C 88 -16.67 16.76 -27.28
N LEU C 89 -16.17 15.58 -27.65
CA LEU C 89 -15.39 15.42 -28.88
C LEU C 89 -16.14 14.64 -29.95
N GLN C 90 -16.76 13.54 -29.53
CA GLN C 90 -17.49 12.67 -30.44
C GLN C 90 -18.33 11.69 -29.66
N LEU C 91 -19.20 10.99 -30.37
CA LEU C 91 -20.03 9.96 -29.76
C LEU C 91 -20.06 8.80 -30.74
N HIS C 92 -20.28 7.60 -30.24
CA HIS C 92 -20.33 6.41 -31.07
C HIS C 92 -21.15 5.39 -30.31
N LEU C 93 -21.41 4.25 -30.94
CA LEU C 93 -22.19 3.22 -30.29
C LEU C 93 -21.58 1.83 -30.34
N HIS C 94 -22.13 0.96 -29.49
CA HIS C 94 -21.70 -0.43 -29.40
C HIS C 94 -22.98 -1.25 -29.41
N TRP C 95 -23.02 -2.30 -30.23
CA TRP C 95 -24.22 -3.12 -30.35
C TRP C 95 -23.93 -4.60 -30.57
N GLY C 96 -24.99 -5.41 -30.64
CA GLY C 96 -24.80 -6.84 -30.82
C GLY C 96 -25.17 -7.35 -32.20
N ALA C 97 -26.15 -8.24 -32.24
CA ALA C 97 -26.60 -8.84 -33.50
C ALA C 97 -27.97 -9.46 -33.28
N ALA C 98 -28.49 -10.12 -34.32
CA ALA C 98 -29.80 -10.75 -34.22
C ALA C 98 -29.92 -11.62 -32.98
N GLY C 99 -30.84 -11.25 -32.09
CA GLY C 99 -31.05 -12.00 -30.87
C GLY C 99 -29.92 -11.95 -29.85
N ARG C 100 -28.98 -11.03 -30.04
CA ARG C 100 -27.84 -10.93 -29.13
C ARG C 100 -27.55 -9.48 -28.70
N PRO C 101 -27.66 -9.19 -27.40
CA PRO C 101 -27.41 -7.85 -26.88
C PRO C 101 -25.93 -7.46 -27.07
N GLY C 102 -25.65 -6.16 -27.12
CA GLY C 102 -24.28 -5.73 -27.33
C GLY C 102 -23.75 -4.55 -26.56
N SER C 103 -24.34 -4.22 -25.41
CA SER C 103 -23.82 -3.10 -24.63
C SER C 103 -22.47 -3.54 -24.06
N GLU C 104 -21.64 -2.58 -23.68
CA GLU C 104 -20.33 -2.90 -23.10
C GLU C 104 -20.46 -3.14 -21.61
N HIS C 105 -21.01 -2.16 -20.89
CA HIS C 105 -21.21 -2.34 -19.46
C HIS C 105 -22.42 -3.24 -19.25
N THR C 106 -22.45 -3.93 -18.14
CA THR C 106 -23.59 -4.78 -17.82
C THR C 106 -24.01 -4.39 -16.41
N VAL C 107 -25.22 -4.75 -16.04
CA VAL C 107 -25.74 -4.45 -14.71
C VAL C 107 -26.26 -5.74 -14.12
N GLU C 108 -25.61 -6.19 -13.05
CA GLU C 108 -26.00 -7.43 -12.39
C GLU C 108 -25.96 -8.57 -13.41
N GLY C 109 -24.97 -8.53 -14.29
CA GLY C 109 -24.83 -9.56 -15.31
C GLY C 109 -25.67 -9.35 -16.55
N HIS C 110 -26.61 -8.41 -16.50
CA HIS C 110 -27.48 -8.15 -17.65
C HIS C 110 -26.85 -7.25 -18.71
N ARG C 111 -26.79 -7.76 -19.94
CA ARG C 111 -26.26 -7.02 -21.06
C ARG C 111 -27.44 -6.43 -21.82
N PHE C 112 -27.38 -5.12 -22.08
CA PHE C 112 -28.45 -4.44 -22.80
C PHE C 112 -28.22 -4.49 -24.31
N PRO C 113 -29.29 -4.27 -25.08
CA PRO C 113 -29.20 -4.29 -26.55
C PRO C 113 -28.03 -3.50 -27.12
N ALA C 114 -27.91 -2.23 -26.70
CA ALA C 114 -26.81 -1.39 -27.20
C ALA C 114 -26.38 -0.36 -26.18
N GLU C 115 -25.35 0.42 -26.52
CA GLU C 115 -24.84 1.43 -25.61
C GLU C 115 -24.25 2.60 -26.37
N ILE C 116 -24.51 3.81 -25.89
CA ILE C 116 -23.95 4.99 -26.54
C ILE C 116 -22.88 5.60 -25.64
N HIS C 117 -21.80 6.07 -26.27
CA HIS C 117 -20.71 6.69 -25.55
C HIS C 117 -20.45 8.09 -26.08
N VAL C 118 -20.43 9.07 -25.18
CA VAL C 118 -20.13 10.45 -25.55
C VAL C 118 -18.80 10.75 -24.87
N VAL C 119 -17.74 10.82 -25.68
CA VAL C 119 -16.38 11.04 -25.22
C VAL C 119 -16.04 12.52 -25.05
N HIS C 120 -15.51 12.88 -23.88
CA HIS C 120 -15.15 14.27 -23.56
C HIS C 120 -13.69 14.42 -23.19
N LEU C 121 -13.17 15.62 -23.42
CA LEU C 121 -11.78 15.96 -23.11
C LEU C 121 -11.75 17.03 -22.03
N SER C 122 -10.97 16.80 -20.98
CA SER C 122 -10.85 17.79 -19.90
C SER C 122 -10.33 19.11 -20.47
N THR C 123 -10.87 20.23 -19.99
CA THR C 123 -10.44 21.54 -20.47
C THR C 123 -8.99 21.84 -20.08
N ALA C 124 -8.41 21.02 -19.21
CA ALA C 124 -7.04 21.21 -18.79
C ALA C 124 -6.06 20.68 -19.84
N PHE C 125 -6.58 19.96 -20.82
CA PHE C 125 -5.75 19.40 -21.89
C PHE C 125 -6.17 19.93 -23.26
N ALA C 126 -5.20 20.44 -24.00
CA ALA C 126 -5.48 20.98 -25.33
C ALA C 126 -5.79 19.89 -26.35
N ARG C 127 -5.10 18.75 -26.22
CA ARG C 127 -5.29 17.65 -27.15
C ARG C 127 -5.50 16.30 -26.48
N VAL C 128 -6.14 15.40 -27.19
CA VAL C 128 -6.41 14.06 -26.69
C VAL C 128 -5.13 13.30 -26.35
N ASP C 129 -4.10 13.41 -27.18
CA ASP C 129 -2.86 12.70 -26.93
C ASP C 129 -2.20 13.11 -25.62
N GLU C 130 -2.51 14.31 -25.14
CA GLU C 130 -1.95 14.76 -23.87
C GLU C 130 -2.75 14.19 -22.71
N ALA C 131 -4.03 13.95 -22.94
CA ALA C 131 -4.93 13.44 -21.90
C ALA C 131 -4.88 11.93 -21.72
N LEU C 132 -4.51 11.20 -22.76
CA LEU C 132 -4.44 9.74 -22.70
C LEU C 132 -3.58 9.25 -21.53
N GLY C 133 -4.14 8.37 -20.72
CA GLY C 133 -3.39 7.82 -19.60
C GLY C 133 -3.33 8.72 -18.38
N ARG C 134 -3.76 9.97 -18.51
CA ARG C 134 -3.74 10.88 -17.37
C ARG C 134 -5.07 10.80 -16.62
N PRO C 135 -5.03 10.86 -15.28
CA PRO C 135 -6.26 10.78 -14.47
C PRO C 135 -7.28 11.86 -14.78
N GLY C 136 -8.47 11.43 -15.20
CA GLY C 136 -9.54 12.36 -15.51
C GLY C 136 -9.34 13.14 -16.79
N GLY C 137 -8.31 12.81 -17.55
CA GLY C 137 -8.05 13.52 -18.80
C GLY C 137 -9.22 13.35 -19.76
N LEU C 138 -9.77 12.14 -19.79
CA LEU C 138 -10.90 11.83 -20.65
C LEU C 138 -12.06 11.37 -19.79
N ALA C 139 -13.26 11.76 -20.16
CA ALA C 139 -14.46 11.38 -19.44
C ALA C 139 -15.49 10.93 -20.47
N VAL C 140 -16.09 9.77 -20.22
CA VAL C 140 -17.09 9.25 -21.15
C VAL C 140 -18.44 9.12 -20.44
N LEU C 141 -19.50 9.56 -21.11
CA LEU C 141 -20.85 9.43 -20.57
C LEU C 141 -21.42 8.24 -21.32
N ALA C 142 -21.99 7.29 -20.59
CA ALA C 142 -22.54 6.10 -21.21
C ALA C 142 -23.99 5.85 -20.82
N ALA C 143 -24.79 5.47 -21.81
CA ALA C 143 -26.20 5.18 -21.57
C ALA C 143 -26.57 3.91 -22.31
N PHE C 144 -27.43 3.10 -21.70
CA PHE C 144 -27.87 1.86 -22.30
C PHE C 144 -29.07 2.13 -23.20
N LEU C 145 -29.15 1.41 -24.31
CA LEU C 145 -30.28 1.55 -25.22
C LEU C 145 -31.10 0.26 -25.09
N GLU C 146 -32.35 0.40 -24.67
CA GLU C 146 -33.24 -0.76 -24.50
C GLU C 146 -34.30 -0.78 -25.58
N GLU C 147 -34.94 -1.93 -25.72
CA GLU C 147 -36.01 -2.11 -26.71
C GLU C 147 -37.31 -1.62 -26.09
N GLY C 148 -38.07 -0.87 -26.87
CA GLY C 148 -39.34 -0.35 -26.39
C GLY C 148 -40.35 -0.34 -27.52
N PRO C 149 -41.63 -0.05 -27.22
CA PRO C 149 -42.70 -0.01 -28.23
C PRO C 149 -42.69 1.18 -29.19
N GLU C 150 -42.13 2.31 -28.75
CA GLU C 150 -42.10 3.51 -29.59
C GLU C 150 -40.77 3.80 -30.28
N GLU C 151 -40.85 4.34 -31.49
CA GLU C 151 -39.65 4.70 -32.23
C GLU C 151 -39.05 5.94 -31.58
N ASN C 152 -37.73 5.96 -31.47
CA ASN C 152 -37.04 7.08 -30.86
C ASN C 152 -36.70 8.10 -31.94
N SER C 153 -37.24 9.30 -31.82
CA SER C 153 -37.00 10.35 -32.81
C SER C 153 -35.56 10.84 -32.85
N ALA C 154 -34.94 10.97 -31.67
CA ALA C 154 -33.57 11.43 -31.60
C ALA C 154 -32.65 10.48 -32.36
N TYR C 155 -32.75 9.20 -32.07
CA TYR C 155 -31.90 8.21 -32.73
C TYR C 155 -32.22 8.02 -34.21
N GLU C 156 -33.43 8.36 -34.61
CA GLU C 156 -33.84 8.23 -36.02
C GLU C 156 -32.92 9.05 -36.91
N GLN C 157 -32.41 10.16 -36.39
CA GLN C 157 -31.51 11.03 -37.16
C GLN C 157 -30.18 10.34 -37.48
N LEU C 158 -29.77 9.40 -36.63
CA LEU C 158 -28.52 8.69 -36.86
C LEU C 158 -28.79 7.39 -37.61
N LEU C 159 -29.77 6.64 -37.13
CA LEU C 159 -30.11 5.36 -37.73
C LEU C 159 -30.52 5.45 -39.21
N SER C 160 -31.22 6.53 -39.57
CA SER C 160 -31.67 6.69 -40.95
C SER C 160 -30.53 7.05 -41.89
N ARG C 161 -29.36 7.34 -41.33
CA ARG C 161 -28.21 7.71 -42.16
C ARG C 161 -27.18 6.58 -42.32
N LEU C 162 -27.34 5.50 -41.57
CA LEU C 162 -26.38 4.39 -41.63
C LEU C 162 -26.21 3.79 -43.03
N GLU C 163 -27.29 3.62 -43.76
CA GLU C 163 -27.21 3.06 -45.10
C GLU C 163 -26.30 3.88 -45.99
N GLU C 164 -26.29 5.19 -45.80
CA GLU C 164 -25.44 6.07 -46.60
C GLU C 164 -23.96 5.79 -46.37
N ILE C 165 -23.64 5.23 -45.21
CA ILE C 165 -22.25 4.92 -44.88
C ILE C 165 -22.06 3.44 -44.56
N ALA C 166 -22.85 2.59 -45.22
CA ALA C 166 -22.79 1.15 -45.02
C ALA C 166 -21.39 0.61 -45.25
N GLU C 167 -20.72 1.16 -46.27
CA GLU C 167 -19.37 0.71 -46.60
C GLU C 167 -18.35 1.11 -45.55
N GLU C 168 -17.50 0.17 -45.18
N GLU C 168 -17.50 0.17 -45.18
CA GLU C 168 -16.47 0.43 -44.18
CA GLU C 168 -16.45 0.42 -44.19
C GLU C 168 -15.59 1.59 -44.65
C GLU C 168 -15.58 1.58 -44.65
N GLY C 169 -15.33 2.53 -43.74
CA GLY C 169 -14.52 3.67 -44.09
C GLY C 169 -15.26 4.84 -44.72
N SER C 170 -16.52 4.64 -45.08
CA SER C 170 -17.29 5.73 -45.70
C SER C 170 -17.81 6.71 -44.65
N GLU C 171 -18.10 7.94 -45.09
CA GLU C 171 -18.60 8.97 -44.21
C GLU C 171 -19.59 9.87 -44.93
N THR C 172 -20.31 10.68 -44.17
CA THR C 172 -21.28 11.59 -44.73
C THR C 172 -21.55 12.74 -43.76
N GLN C 173 -22.11 13.83 -44.27
CA GLN C 173 -22.44 14.97 -43.44
C GLN C 173 -23.92 14.89 -43.10
N VAL C 174 -24.26 15.12 -41.84
CA VAL C 174 -25.66 15.06 -41.42
C VAL C 174 -26.07 16.37 -40.76
N PRO C 175 -27.37 16.69 -40.79
CA PRO C 175 -27.87 17.92 -40.17
C PRO C 175 -27.56 17.98 -38.68
N GLY C 176 -27.45 19.18 -38.15
CA GLY C 176 -27.20 19.32 -36.73
C GLY C 176 -28.41 18.75 -36.01
N LEU C 177 -28.19 18.27 -34.79
CA LEU C 177 -29.27 17.69 -34.00
C LEU C 177 -29.04 18.01 -32.53
N ASP C 178 -30.06 17.75 -31.71
CA ASP C 178 -29.95 17.98 -30.28
C ASP C 178 -29.26 16.76 -29.68
N ILE C 179 -27.97 16.87 -29.44
CA ILE C 179 -27.19 15.77 -28.89
C ILE C 179 -27.72 15.30 -27.54
N SER C 180 -28.15 16.23 -26.70
CA SER C 180 -28.65 15.87 -25.37
C SER C 180 -29.92 15.02 -25.41
N ALA C 181 -30.65 15.08 -26.52
CA ALA C 181 -31.88 14.29 -26.65
C ALA C 181 -31.59 12.80 -26.79
N LEU C 182 -30.33 12.45 -27.03
CA LEU C 182 -29.94 11.05 -27.16
C LEU C 182 -29.70 10.44 -25.78
N LEU C 183 -29.74 11.29 -24.75
CA LEU C 183 -29.48 10.83 -23.39
C LEU C 183 -30.71 10.65 -22.51
N PRO C 184 -30.57 9.87 -21.43
CA PRO C 184 -31.66 9.57 -20.48
C PRO C 184 -32.25 10.83 -19.85
N SER C 185 -33.38 10.63 -19.17
CA SER C 185 -34.12 11.69 -18.52
C SER C 185 -33.52 12.37 -17.28
N ASP C 186 -32.99 11.58 -16.36
CA ASP C 186 -32.45 12.11 -15.11
C ASP C 186 -30.93 12.21 -15.07
N PHE C 187 -30.39 13.43 -15.09
CA PHE C 187 -28.94 13.62 -15.05
C PHE C 187 -28.38 13.53 -13.63
N SER C 188 -29.23 13.24 -12.66
CA SER C 188 -28.77 13.13 -11.29
C SER C 188 -28.60 11.68 -10.82
N ARG C 189 -29.02 10.71 -11.64
CA ARG C 189 -28.92 9.29 -11.28
C ARG C 189 -27.90 8.56 -12.13
N TYR C 190 -26.72 8.29 -11.57
CA TYR C 190 -25.70 7.60 -12.33
C TYR C 190 -24.66 6.89 -11.47
N PHE C 191 -23.91 6.00 -12.13
CA PHE C 191 -22.83 5.26 -11.50
C PHE C 191 -21.56 5.89 -12.04
N GLN C 192 -20.49 5.85 -11.26
CA GLN C 192 -19.23 6.42 -11.71
C GLN C 192 -18.04 5.66 -11.16
N TYR C 193 -17.03 5.47 -12.00
CA TYR C 193 -15.82 4.76 -11.59
C TYR C 193 -14.72 5.13 -12.57
N GLU C 194 -13.48 4.83 -12.22
CA GLU C 194 -12.37 5.14 -13.10
C GLU C 194 -11.90 3.88 -13.81
N GLY C 195 -11.71 3.99 -15.12
CA GLY C 195 -11.28 2.85 -15.89
C GLY C 195 -10.44 3.20 -17.09
N SER C 196 -10.77 2.59 -18.24
CA SER C 196 -9.99 2.82 -19.45
C SER C 196 -10.86 2.94 -20.68
N LEU C 197 -10.22 3.16 -21.82
CA LEU C 197 -10.94 3.21 -23.09
C LEU C 197 -11.23 1.72 -23.32
N THR C 198 -12.35 1.42 -23.98
CA THR C 198 -12.72 0.03 -24.23
C THR C 198 -12.14 -0.55 -25.52
N THR C 199 -11.33 0.24 -26.21
CA THR C 199 -10.70 -0.22 -27.45
C THR C 199 -9.26 0.28 -27.38
N PRO C 200 -8.34 -0.37 -28.10
CA PRO C 200 -6.93 0.08 -28.07
C PRO C 200 -6.88 1.58 -28.34
N PRO C 201 -5.94 2.31 -27.71
CA PRO C 201 -4.90 1.86 -26.78
C PRO C 201 -5.33 1.46 -25.37
N CYS C 202 -6.62 1.47 -25.08
CA CYS C 202 -7.11 1.10 -23.75
C CYS C 202 -6.46 1.91 -22.63
N ALA C 203 -6.12 3.16 -22.89
CA ALA C 203 -5.47 4.00 -21.88
C ALA C 203 -6.33 4.10 -20.62
N GLN C 204 -5.69 4.00 -19.45
CA GLN C 204 -6.42 4.09 -18.19
C GLN C 204 -6.58 5.55 -17.74
N GLY C 205 -7.20 5.75 -16.58
CA GLY C 205 -7.42 7.10 -16.10
C GLY C 205 -8.69 7.73 -16.65
N VAL C 206 -9.51 6.92 -17.32
CA VAL C 206 -10.76 7.43 -17.89
C VAL C 206 -11.88 7.41 -16.85
N ILE C 207 -12.57 8.53 -16.71
CA ILE C 207 -13.67 8.60 -15.77
C ILE C 207 -14.95 8.19 -16.49
N TRP C 208 -15.56 7.10 -16.04
CA TRP C 208 -16.79 6.60 -16.64
C TRP C 208 -18.01 6.98 -15.82
N THR C 209 -19.03 7.50 -16.49
CA THR C 209 -20.27 7.87 -15.84
C THR C 209 -21.36 7.14 -16.60
N VAL C 210 -22.01 6.19 -15.93
CA VAL C 210 -23.05 5.38 -16.56
C VAL C 210 -24.43 5.74 -16.01
N PHE C 211 -25.29 6.28 -16.88
CA PHE C 211 -26.64 6.65 -16.46
C PHE C 211 -27.41 5.48 -15.90
N ASN C 212 -28.17 5.72 -14.85
CA ASN C 212 -28.97 4.68 -14.26
C ASN C 212 -30.24 4.46 -15.08
N GLN C 213 -30.69 5.50 -15.76
CA GLN C 213 -31.87 5.39 -16.60
C GLN C 213 -31.44 5.07 -18.02
N THR C 214 -32.28 4.32 -18.72
CA THR C 214 -31.96 3.93 -20.09
C THR C 214 -32.78 4.73 -21.08
N VAL C 215 -32.45 4.56 -22.36
CA VAL C 215 -33.16 5.22 -23.44
C VAL C 215 -33.81 4.09 -24.25
N MET C 216 -35.00 4.34 -24.77
CA MET C 216 -35.70 3.31 -25.54
C MET C 216 -35.71 3.51 -27.04
N LEU C 217 -35.44 2.43 -27.76
CA LEU C 217 -35.45 2.40 -29.21
C LEU C 217 -36.38 1.24 -29.60
N SER C 218 -37.00 1.31 -30.76
CA SER C 218 -37.89 0.24 -31.19
C SER C 218 -37.08 -0.96 -31.65
N ALA C 219 -37.74 -2.11 -31.76
CA ALA C 219 -37.07 -3.33 -32.20
C ALA C 219 -36.50 -3.10 -33.59
N LYS C 220 -37.27 -2.41 -34.43
CA LYS C 220 -36.85 -2.11 -35.79
C LYS C 220 -35.59 -1.25 -35.80
N GLN C 221 -35.55 -0.25 -34.92
CA GLN C 221 -34.40 0.63 -34.82
C GLN C 221 -33.15 -0.12 -34.37
N LEU C 222 -33.29 -0.99 -33.38
CA LEU C 222 -32.16 -1.76 -32.90
C LEU C 222 -31.64 -2.69 -33.99
N HIS C 223 -32.54 -3.14 -34.87
CA HIS C 223 -32.14 -4.00 -35.97
C HIS C 223 -31.37 -3.17 -37.00
N THR C 224 -31.81 -1.95 -37.23
CA THR C 224 -31.13 -1.07 -38.18
C THR C 224 -29.73 -0.75 -37.69
N LEU C 225 -29.59 -0.51 -36.39
CA LEU C 225 -28.30 -0.19 -35.79
C LEU C 225 -27.30 -1.34 -35.88
N SER C 226 -27.77 -2.56 -35.69
CA SER C 226 -26.89 -3.73 -35.69
C SER C 226 -26.83 -4.56 -36.96
N ASP C 227 -27.41 -4.08 -38.05
CA ASP C 227 -27.37 -4.89 -39.26
C ASP C 227 -27.27 -4.09 -40.55
N THR C 228 -26.74 -2.88 -40.47
CA THR C 228 -26.63 -2.03 -41.65
C THR C 228 -25.19 -1.79 -42.10
N LEU C 229 -24.34 -1.41 -41.17
CA LEU C 229 -22.94 -1.13 -41.50
C LEU C 229 -22.11 -2.37 -41.76
N TRP C 230 -21.15 -2.25 -42.66
CA TRP C 230 -20.24 -3.33 -42.97
C TRP C 230 -18.96 -3.03 -42.18
N GLY C 231 -18.41 -4.06 -41.54
CA GLY C 231 -17.18 -3.94 -40.78
C GLY C 231 -16.05 -4.47 -41.63
N PRO C 232 -14.95 -4.96 -41.01
CA PRO C 232 -13.80 -5.49 -41.75
C PRO C 232 -13.98 -6.89 -42.24
N GLY C 233 -13.91 -7.02 -43.55
CA GLY C 233 -14.01 -8.31 -44.17
C GLY C 233 -15.35 -8.80 -44.61
N ASP C 234 -15.97 -8.13 -45.57
CA ASP C 234 -17.24 -8.59 -46.05
C ASP C 234 -18.12 -9.18 -44.96
N SER C 235 -18.30 -8.49 -43.84
CA SER C 235 -19.11 -8.98 -42.72
C SER C 235 -19.82 -7.80 -42.03
N ARG C 236 -21.12 -7.92 -41.72
CA ARG C 236 -21.82 -6.83 -41.04
C ARG C 236 -21.06 -6.48 -39.76
N LEU C 237 -20.87 -5.19 -39.52
CA LEU C 237 -20.18 -4.76 -38.31
C LEU C 237 -21.14 -5.11 -37.18
N GLN C 238 -20.80 -6.14 -36.40
CA GLN C 238 -21.66 -6.57 -35.31
C GLN C 238 -20.86 -6.97 -34.08
N LEU C 239 -21.56 -7.13 -32.95
CA LEU C 239 -20.92 -7.52 -31.70
C LEU C 239 -19.66 -6.70 -31.47
N ASN C 240 -19.76 -5.38 -31.69
CA ASN C 240 -18.61 -4.50 -31.51
C ASN C 240 -18.51 -3.98 -30.09
N PHE C 241 -18.33 -4.91 -29.15
CA PHE C 241 -18.19 -4.59 -27.73
C PHE C 241 -17.12 -5.47 -27.10
N ARG C 242 -16.55 -5.01 -26.01
CA ARG C 242 -15.50 -5.74 -25.29
C ARG C 242 -16.11 -6.47 -24.10
N ALA C 243 -15.55 -7.64 -23.77
CA ALA C 243 -16.03 -8.41 -22.63
C ALA C 243 -15.83 -7.59 -21.36
N THR C 244 -16.69 -7.80 -20.36
CA THR C 244 -16.54 -7.06 -19.12
C THR C 244 -15.23 -7.41 -18.45
N GLN C 245 -14.66 -6.42 -17.78
CA GLN C 245 -13.38 -6.56 -17.10
C GLN C 245 -13.61 -6.52 -15.59
N PRO C 246 -12.80 -7.25 -14.82
CA PRO C 246 -12.95 -7.28 -13.36
C PRO C 246 -12.66 -5.92 -12.71
N LEU C 247 -13.44 -5.60 -11.68
CA LEU C 247 -13.25 -4.34 -10.97
C LEU C 247 -11.89 -4.35 -10.27
N ASN C 248 -11.46 -5.53 -9.85
CA ASN C 248 -10.17 -5.69 -9.17
C ASN C 248 -9.97 -4.75 -7.99
N GLY C 249 -10.99 -4.60 -7.15
CA GLY C 249 -10.84 -3.73 -6.00
C GLY C 249 -11.48 -2.36 -6.12
N ARG C 250 -11.70 -1.91 -7.35
CA ARG C 250 -12.33 -0.62 -7.56
C ARG C 250 -13.75 -0.67 -7.00
N VAL C 251 -14.21 0.45 -6.45
CA VAL C 251 -15.56 0.51 -5.92
C VAL C 251 -16.35 1.48 -6.77
N ILE C 252 -17.41 1.00 -7.40
CA ILE C 252 -18.24 1.86 -8.22
C ILE C 252 -19.05 2.78 -7.31
N GLU C 253 -19.17 4.04 -7.68
CA GLU C 253 -19.95 4.98 -6.88
C GLU C 253 -21.30 5.23 -7.52
N ALA C 254 -22.29 5.52 -6.69
CA ALA C 254 -23.65 5.81 -7.16
C ALA C 254 -24.03 7.18 -6.64
N SER C 255 -24.66 7.97 -7.50
CA SER C 255 -25.08 9.32 -7.14
C SER C 255 -26.42 9.33 -6.42
N PHE C 256 -26.97 8.15 -6.18
CA PHE C 256 -28.26 8.04 -5.51
C PHE C 256 -28.27 6.91 -4.48
N PRO C 257 -29.10 7.04 -3.43
CA PRO C 257 -29.25 6.06 -2.35
C PRO C 257 -29.72 4.70 -2.84
N SER D 5 9.68 41.72 -6.24
CA SER D 5 8.43 41.30 -6.91
C SER D 5 8.06 39.86 -6.59
N HIS D 6 8.91 39.18 -5.82
CA HIS D 6 8.63 37.80 -5.45
C HIS D 6 7.46 37.82 -4.48
N TRP D 7 6.54 36.87 -4.62
CA TRP D 7 5.38 36.85 -3.74
C TRP D 7 5.77 36.64 -2.29
N ARG D 8 4.87 37.02 -1.39
CA ARG D 8 5.10 36.88 0.04
C ARG D 8 3.77 36.88 0.79
N TYR D 9 3.82 36.61 2.08
CA TYR D 9 2.61 36.62 2.90
C TYR D 9 2.40 38.01 3.50
N GLY D 10 1.14 38.44 3.52
CA GLY D 10 0.78 39.73 4.09
C GLY D 10 1.29 40.98 3.40
N GLY D 11 1.35 40.96 2.07
CA GLY D 11 1.82 42.15 1.36
C GLY D 11 1.97 41.93 -0.14
N ASP D 12 2.16 43.04 -0.86
CA ASP D 12 2.32 42.99 -2.31
C ASP D 12 3.55 42.17 -2.68
N PRO D 13 3.62 41.70 -3.93
CA PRO D 13 2.62 41.89 -5.00
C PRO D 13 1.34 41.08 -4.82
N PRO D 14 0.22 41.57 -5.38
CA PRO D 14 -1.06 40.86 -5.27
C PRO D 14 -0.89 39.50 -5.94
N TRP D 15 -1.24 38.43 -5.25
CA TRP D 15 -1.08 37.10 -5.82
C TRP D 15 -1.70 36.94 -7.21
N PRO D 16 -2.89 37.53 -7.45
CA PRO D 16 -3.50 37.41 -8.78
C PRO D 16 -2.61 38.01 -9.87
N ARG D 17 -1.75 38.95 -9.48
CA ARG D 17 -0.82 39.58 -10.43
C ARG D 17 0.34 38.62 -10.70
N VAL D 18 0.68 37.83 -9.68
CA VAL D 18 1.76 36.85 -9.82
C VAL D 18 1.25 35.69 -10.65
N SER D 19 0.01 35.29 -10.40
CA SER D 19 -0.61 34.19 -11.12
C SER D 19 -2.14 34.31 -11.10
N PRO D 20 -2.75 34.42 -12.29
CA PRO D 20 -4.20 34.55 -12.39
C PRO D 20 -4.94 33.45 -11.62
N ALA D 21 -4.37 32.25 -11.61
CA ALA D 21 -5.00 31.12 -10.91
C ALA D 21 -5.26 31.40 -9.43
N CYS D 22 -4.50 32.30 -8.82
CA CYS D 22 -4.71 32.61 -7.40
C CYS D 22 -6.06 33.29 -7.15
N ALA D 23 -6.79 33.58 -8.22
CA ALA D 23 -8.10 34.22 -8.10
C ALA D 23 -9.18 33.25 -8.62
N GLY D 24 -8.81 31.99 -8.78
CA GLY D 24 -9.77 30.99 -9.25
C GLY D 24 -10.91 30.81 -8.27
N ARG D 25 -11.99 30.19 -8.73
CA ARG D 25 -13.15 29.98 -7.87
C ARG D 25 -12.98 28.82 -6.88
N PHE D 26 -12.09 27.89 -7.19
CA PHE D 26 -11.89 26.72 -6.34
C PHE D 26 -10.48 26.58 -5.76
N GLN D 27 -10.19 27.44 -4.79
CA GLN D 27 -8.87 27.47 -4.15
C GLN D 27 -8.81 26.71 -2.84
N SER D 28 -7.59 26.63 -2.31
CA SER D 28 -7.30 25.99 -1.04
C SER D 28 -6.48 27.02 -0.27
N PRO D 29 -6.42 26.92 1.07
CA PRO D 29 -7.09 25.92 1.90
C PRO D 29 -8.56 26.29 2.13
N VAL D 30 -9.27 25.43 2.84
CA VAL D 30 -10.68 25.67 3.12
C VAL D 30 -11.01 25.31 4.56
N ASP D 31 -12.18 25.71 5.01
CA ASP D 31 -12.64 25.39 6.35
C ASP D 31 -13.45 24.11 6.20
N ILE D 32 -13.09 23.09 6.98
CA ILE D 32 -13.77 21.82 6.93
C ILE D 32 -14.84 21.73 8.00
N ARG D 33 -16.08 21.49 7.59
CA ARG D 33 -17.17 21.34 8.54
C ARG D 33 -17.55 19.86 8.49
N PRO D 34 -17.08 19.08 9.47
CA PRO D 34 -17.33 17.63 9.57
C PRO D 34 -18.77 17.19 9.30
N GLN D 35 -19.72 17.89 9.89
CA GLN D 35 -21.13 17.54 9.72
C GLN D 35 -21.59 17.66 8.28
N LEU D 36 -20.97 18.57 7.52
CA LEU D 36 -21.35 18.77 6.13
C LEU D 36 -20.52 17.96 5.14
N ALA D 37 -19.58 17.17 5.66
CA ALA D 37 -18.75 16.34 4.78
C ALA D 37 -19.58 15.13 4.35
N ALA D 38 -19.43 14.72 3.10
CA ALA D 38 -20.17 13.57 2.58
C ALA D 38 -19.44 12.25 2.83
N PHE D 39 -20.07 11.35 3.56
CA PHE D 39 -19.45 10.05 3.82
C PHE D 39 -19.34 9.34 2.47
N SER D 40 -18.12 8.93 2.13
CA SER D 40 -17.89 8.26 0.85
C SER D 40 -17.20 6.92 1.08
N PRO D 41 -17.98 5.83 1.16
CA PRO D 41 -17.49 4.46 1.38
C PRO D 41 -16.40 4.00 0.42
N ALA D 42 -16.29 4.65 -0.73
CA ALA D 42 -15.28 4.28 -1.72
C ALA D 42 -13.87 4.76 -1.35
N LEU D 43 -13.78 5.62 -0.34
CA LEU D 43 -12.49 6.14 0.09
C LEU D 43 -11.79 5.09 0.97
N ARG D 44 -10.81 4.40 0.40
CA ARG D 44 -10.09 3.37 1.14
C ARG D 44 -8.89 3.94 1.88
N PRO D 45 -8.30 3.12 2.79
CA PRO D 45 -7.13 3.58 3.55
C PRO D 45 -5.98 3.99 2.63
N LEU D 46 -5.32 5.09 2.95
CA LEU D 46 -4.20 5.56 2.15
C LEU D 46 -3.08 4.53 2.26
N GLU D 47 -2.30 4.40 1.19
CA GLU D 47 -1.18 3.47 1.19
C GLU D 47 0.10 4.23 0.92
N LEU D 48 1.06 4.10 1.85
CA LEU D 48 2.35 4.78 1.74
C LEU D 48 3.50 3.79 1.92
N LEU D 49 4.21 3.51 0.84
CA LEU D 49 5.34 2.58 0.89
C LEU D 49 6.64 3.26 0.53
N GLY D 50 7.74 2.78 1.13
CA GLY D 50 9.05 3.36 0.86
C GLY D 50 9.37 4.63 1.65
N PHE D 51 8.53 4.97 2.62
CA PHE D 51 8.74 6.16 3.44
C PHE D 51 9.75 6.00 4.58
N GLN D 52 10.14 4.76 4.89
CA GLN D 52 11.09 4.50 5.96
C GLN D 52 12.50 4.54 5.38
N LEU D 53 13.03 5.75 5.21
CA LEU D 53 14.35 5.95 4.65
C LEU D 53 15.50 5.58 5.59
N PRO D 54 16.58 5.01 5.04
CA PRO D 54 17.75 4.62 5.84
C PRO D 54 18.57 5.87 6.17
N PRO D 55 19.53 5.78 7.10
CA PRO D 55 20.36 6.92 7.49
C PRO D 55 21.03 7.66 6.34
N LEU D 56 21.45 6.91 5.32
CA LEU D 56 22.10 7.47 4.15
C LEU D 56 21.38 6.96 2.90
N PRO D 57 21.31 7.77 1.83
CA PRO D 57 21.87 9.13 1.70
C PRO D 57 21.11 10.18 2.50
N GLU D 58 21.72 11.34 2.65
CA GLU D 58 21.11 12.44 3.38
C GLU D 58 20.11 13.16 2.48
N LEU D 59 19.29 14.00 3.09
CA LEU D 59 18.27 14.75 2.38
C LEU D 59 18.48 16.25 2.52
N ARG D 60 18.10 17.00 1.50
CA ARG D 60 18.23 18.44 1.52
C ARG D 60 17.09 19.07 2.32
N LEU D 61 17.43 19.95 3.26
CA LEU D 61 16.44 20.65 4.06
C LEU D 61 16.75 22.12 3.79
N ARG D 62 15.77 22.86 3.29
CA ARG D 62 16.00 24.24 2.90
C ARG D 62 15.01 25.28 3.40
N ASN D 63 15.53 26.45 3.75
CA ASN D 63 14.70 27.57 4.18
C ASN D 63 14.57 28.38 2.90
N ASN D 64 13.41 28.35 2.26
CA ASN D 64 13.22 29.08 1.01
C ASN D 64 12.55 30.45 1.19
N GLY D 65 12.40 30.89 2.43
CA GLY D 65 11.80 32.19 2.66
C GLY D 65 10.32 32.17 3.01
N HIS D 66 9.61 31.14 2.55
N HIS D 66 9.60 31.13 2.59
CA HIS D 66 8.18 31.02 2.86
CA HIS D 66 8.18 31.00 2.88
C HIS D 66 7.86 29.74 3.64
C HIS D 66 7.88 29.78 3.72
N SER D 67 8.87 28.91 3.86
CA SER D 67 8.71 27.68 4.64
C SER D 67 10.05 26.94 4.69
N VAL D 68 10.06 25.80 5.36
CA VAL D 68 11.25 24.96 5.42
C VAL D 68 10.82 23.75 4.61
N GLN D 69 11.60 23.41 3.59
CA GLN D 69 11.23 22.30 2.72
C GLN D 69 12.24 21.16 2.70
N LEU D 70 11.72 19.94 2.83
CA LEU D 70 12.55 18.74 2.81
C LEU D 70 12.38 18.06 1.45
N THR D 71 13.49 17.89 0.73
CA THR D 71 13.46 17.23 -0.56
C THR D 71 13.43 15.72 -0.36
N LEU D 72 12.41 15.08 -0.92
CA LEU D 72 12.26 13.63 -0.78
C LEU D 72 12.84 12.92 -2.00
N PRO D 73 13.48 11.76 -1.79
CA PRO D 73 14.08 10.98 -2.87
C PRO D 73 13.05 10.14 -3.62
N PRO D 74 13.46 9.53 -4.74
CA PRO D 74 12.54 8.70 -5.52
C PRO D 74 12.22 7.47 -4.68
N GLY D 75 11.08 6.82 -4.93
CA GLY D 75 10.76 5.62 -4.18
C GLY D 75 9.68 5.72 -3.12
N LEU D 76 9.22 6.92 -2.79
CA LEU D 76 8.16 7.06 -1.80
C LEU D 76 6.85 7.01 -2.57
N GLU D 77 6.30 5.80 -2.66
CA GLU D 77 5.07 5.56 -3.39
C GLU D 77 3.83 5.68 -2.53
N MET D 78 2.82 6.35 -3.07
CA MET D 78 1.57 6.58 -2.36
C MET D 78 0.39 6.33 -3.29
N ALA D 79 -0.70 5.80 -2.74
CA ALA D 79 -1.89 5.53 -3.52
C ALA D 79 -3.12 6.09 -2.81
N LEU D 80 -3.95 6.81 -3.56
CA LEU D 80 -5.18 7.38 -3.02
C LEU D 80 -6.30 6.35 -3.20
N GLY D 81 -6.02 5.35 -4.04
CA GLY D 81 -6.98 4.30 -4.31
C GLY D 81 -6.42 3.32 -5.32
N PRO D 82 -7.17 2.26 -5.66
CA PRO D 82 -6.70 1.26 -6.63
C PRO D 82 -6.35 1.88 -7.98
N GLY D 83 -5.11 1.71 -8.41
CA GLY D 83 -4.68 2.26 -9.69
C GLY D 83 -4.49 3.77 -9.75
N ARG D 84 -4.47 4.43 -8.59
CA ARG D 84 -4.29 5.88 -8.54
C ARG D 84 -3.05 6.15 -7.70
N GLU D 85 -1.89 5.99 -8.33
CA GLU D 85 -0.61 6.14 -7.67
C GLU D 85 0.14 7.45 -7.84
N TYR D 86 0.93 7.77 -6.83
CA TYR D 86 1.73 8.98 -6.79
C TYR D 86 3.08 8.68 -6.15
N ARG D 87 4.00 9.62 -6.24
CA ARG D 87 5.29 9.48 -5.59
C ARG D 87 5.57 10.84 -4.93
N ALA D 88 6.05 10.79 -3.69
CA ALA D 88 6.32 12.01 -2.93
C ALA D 88 7.49 12.79 -3.51
N LEU D 89 7.36 14.11 -3.52
CA LEU D 89 8.40 15.00 -4.04
C LEU D 89 9.09 15.76 -2.91
N GLN D 90 8.30 16.26 -1.98
CA GLN D 90 8.81 17.04 -0.87
C GLN D 90 7.74 17.26 0.16
N LEU D 91 8.15 17.79 1.32
CA LEU D 91 7.22 18.12 2.38
C LEU D 91 7.69 19.44 2.96
N HIS D 92 6.76 20.20 3.51
CA HIS D 92 7.08 21.50 4.10
C HIS D 92 6.01 21.78 5.13
N LEU D 93 6.13 22.90 5.84
CA LEU D 93 5.15 23.23 6.86
C LEU D 93 4.65 24.65 6.83
N HIS D 94 3.56 24.87 7.55
CA HIS D 94 2.93 26.17 7.67
C HIS D 94 2.69 26.36 9.17
N TRP D 95 3.02 27.54 9.68
CA TRP D 95 2.87 27.81 11.10
C TRP D 95 2.48 29.25 11.41
N GLY D 96 2.31 29.56 12.68
CA GLY D 96 1.91 30.91 13.07
C GLY D 96 3.00 31.68 13.78
N ALA D 97 2.75 32.00 15.05
CA ALA D 97 3.71 32.75 15.86
C ALA D 97 3.32 32.55 17.33
N ALA D 98 4.07 33.20 18.23
CA ALA D 98 3.78 33.08 19.65
C ALA D 98 2.32 33.44 19.90
N GLY D 99 1.58 32.51 20.52
CA GLY D 99 0.18 32.76 20.81
C GLY D 99 -0.73 32.86 19.59
N ARG D 100 -0.25 32.38 18.44
CA ARG D 100 -1.07 32.44 17.22
C ARG D 100 -0.94 31.18 16.37
N PRO D 101 -2.07 30.48 16.16
CA PRO D 101 -2.08 29.25 15.35
C PRO D 101 -1.80 29.58 13.88
N GLY D 102 -1.25 28.62 13.14
CA GLY D 102 -0.93 28.88 11.74
C GLY D 102 -1.21 27.77 10.73
N SER D 103 -2.15 26.87 11.02
CA SER D 103 -2.45 25.82 10.05
C SER D 103 -3.18 26.50 8.89
N GLU D 104 -3.18 25.86 7.73
CA GLU D 104 -3.84 26.44 6.56
C GLU D 104 -5.31 26.06 6.58
N HIS D 105 -5.58 24.76 6.67
CA HIS D 105 -6.96 24.31 6.73
C HIS D 105 -7.45 24.51 8.15
N THR D 106 -8.76 24.68 8.31
CA THR D 106 -9.36 24.84 9.63
C THR D 106 -10.50 23.82 9.70
N VAL D 107 -10.90 23.48 10.92
CA VAL D 107 -12.00 22.54 11.11
C VAL D 107 -13.02 23.22 12.00
N GLU D 108 -14.21 23.46 11.45
CA GLU D 108 -15.29 24.11 12.18
C GLU D 108 -14.80 25.48 12.67
N GLY D 109 -14.01 26.15 11.84
CA GLY D 109 -13.49 27.45 12.20
C GLY D 109 -12.25 27.44 13.06
N HIS D 110 -11.89 26.28 13.60
CA HIS D 110 -10.72 26.16 14.46
C HIS D 110 -9.41 26.03 13.69
N ARG D 111 -8.47 26.94 13.93
CA ARG D 111 -7.17 26.87 13.28
C ARG D 111 -6.23 26.19 14.26
N PHE D 112 -5.46 25.22 13.76
CA PHE D 112 -4.51 24.48 14.58
C PHE D 112 -3.16 25.17 14.59
N PRO D 113 -2.31 24.86 15.58
CA PRO D 113 -0.99 25.47 15.67
C PRO D 113 -0.20 25.47 14.36
N ALA D 114 -0.08 24.30 13.72
CA ALA D 114 0.66 24.22 12.46
C ALA D 114 0.12 23.11 11.56
N GLU D 115 0.69 22.99 10.36
CA GLU D 115 0.24 21.99 9.41
C GLU D 115 1.41 21.50 8.56
N ILE D 116 1.46 20.19 8.30
CA ILE D 116 2.51 19.64 7.46
C ILE D 116 1.91 19.19 6.13
N HIS D 117 2.62 19.44 5.06
CA HIS D 117 2.17 19.07 3.72
C HIS D 117 3.19 18.18 3.02
N VAL D 118 2.73 17.02 2.53
CA VAL D 118 3.60 16.12 1.78
C VAL D 118 3.04 16.14 0.35
N VAL D 119 3.78 16.79 -0.54
CA VAL D 119 3.39 16.96 -1.93
C VAL D 119 3.77 15.77 -2.81
N HIS D 120 2.79 15.28 -3.58
CA HIS D 120 3.00 14.14 -4.47
C HIS D 120 2.68 14.43 -5.93
N LEU D 121 3.32 13.69 -6.82
CA LEU D 121 3.13 13.82 -8.25
C LEU D 121 2.54 12.52 -8.82
N SER D 122 1.49 12.63 -9.60
CA SER D 122 0.87 11.47 -10.21
C SER D 122 1.90 10.74 -11.08
N THR D 123 1.93 9.42 -11.00
CA THR D 123 2.88 8.64 -11.80
C THR D 123 2.61 8.79 -13.30
N ALA D 124 1.47 9.37 -13.65
CA ALA D 124 1.12 9.58 -15.04
C ALA D 124 1.82 10.81 -15.63
N PHE D 125 2.48 11.58 -14.76
CA PHE D 125 3.20 12.77 -15.21
C PHE D 125 4.68 12.66 -14.88
N ALA D 126 5.53 12.92 -15.86
CA ALA D 126 6.97 12.83 -15.66
C ALA D 126 7.51 14.01 -14.87
N ARG D 127 6.91 15.18 -15.07
CA ARG D 127 7.36 16.39 -14.38
C ARG D 127 6.24 17.20 -13.77
N VAL D 128 6.57 17.96 -12.73
CA VAL D 128 5.59 18.80 -12.06
C VAL D 128 4.93 19.81 -12.99
N ASP D 129 5.71 20.43 -13.87
N ASP D 129 5.70 20.45 -13.85
CA ASP D 129 5.18 21.43 -14.79
CA ASP D 129 5.14 21.44 -14.77
C ASP D 129 4.12 20.85 -15.71
C ASP D 129 4.08 20.84 -15.68
N GLU D 130 4.12 19.53 -15.86
CA GLU D 130 3.14 18.85 -16.71
C GLU D 130 1.85 18.61 -15.93
N ALA D 131 1.99 18.46 -14.61
CA ALA D 131 0.84 18.20 -13.75
C ALA D 131 0.09 19.44 -13.30
N LEU D 132 0.79 20.57 -13.21
CA LEU D 132 0.15 21.81 -12.77
C LEU D 132 -1.10 22.13 -13.56
N GLY D 133 -2.20 22.35 -12.84
CA GLY D 133 -3.46 22.68 -13.50
C GLY D 133 -4.25 21.50 -14.01
N ARG D 134 -3.62 20.32 -14.05
CA ARG D 134 -4.29 19.11 -14.52
C ARG D 134 -4.97 18.39 -13.35
N PRO D 135 -6.20 17.91 -13.57
CA PRO D 135 -6.94 17.20 -12.51
C PRO D 135 -6.20 16.00 -11.94
N GLY D 136 -5.97 16.03 -10.62
CA GLY D 136 -5.29 14.94 -9.96
C GLY D 136 -3.80 14.85 -10.26
N GLY D 137 -3.26 15.82 -10.98
CA GLY D 137 -1.83 15.79 -11.29
C GLY D 137 -0.99 15.84 -10.03
N LEU D 138 -1.42 16.66 -9.09
CA LEU D 138 -0.71 16.79 -7.82
C LEU D 138 -1.67 16.40 -6.69
N ALA D 139 -1.12 15.77 -5.67
CA ALA D 139 -1.90 15.34 -4.51
C ALA D 139 -1.11 15.71 -3.27
N VAL D 140 -1.77 16.35 -2.32
CA VAL D 140 -1.09 16.74 -1.09
C VAL D 140 -1.73 16.07 0.13
N LEU D 141 -0.90 15.49 0.98
CA LEU D 141 -1.39 14.89 2.22
C LEU D 141 -1.15 15.95 3.28
N ALA D 142 -2.18 16.30 4.03
CA ALA D 142 -2.04 17.33 5.05
C ALA D 142 -2.42 16.83 6.43
N ALA D 143 -1.61 17.19 7.42
CA ALA D 143 -1.89 16.79 8.79
C ALA D 143 -1.67 18.00 9.70
N PHE D 144 -2.55 18.13 10.69
CA PHE D 144 -2.46 19.22 11.65
C PHE D 144 -1.50 18.87 12.78
N LEU D 145 -0.73 19.87 13.22
CA LEU D 145 0.19 19.64 14.33
C LEU D 145 -0.45 20.34 15.54
N GLU D 146 -0.71 19.58 16.59
CA GLU D 146 -1.31 20.12 17.81
C GLU D 146 -0.36 20.05 18.98
N GLU D 147 -0.61 20.86 20.00
N GLU D 147 -0.60 20.87 20.00
CA GLU D 147 0.20 20.91 21.21
CA GLU D 147 0.26 20.86 21.17
C GLU D 147 -0.11 19.71 22.10
C GLU D 147 -0.10 19.68 22.04
N GLY D 148 0.92 19.03 22.58
CA GLY D 148 0.71 17.89 23.45
C GLY D 148 1.75 17.96 24.56
N PRO D 149 1.62 17.13 25.61
CA PRO D 149 2.57 17.14 26.73
C PRO D 149 3.93 16.51 26.44
N GLU D 150 4.01 15.68 25.40
CA GLU D 150 5.25 14.99 25.07
C GLU D 150 6.04 15.50 23.89
N GLU D 151 7.36 15.32 23.97
CA GLU D 151 8.28 15.69 22.91
C GLU D 151 8.07 14.68 21.77
N ASN D 152 7.89 15.18 20.55
CA ASN D 152 7.71 14.30 19.39
C ASN D 152 9.08 14.00 18.79
N SER D 153 9.49 12.73 18.86
CA SER D 153 10.79 12.30 18.35
C SER D 153 10.98 12.47 16.85
N ALA D 154 9.95 12.17 16.07
CA ALA D 154 10.06 12.29 14.63
C ALA D 154 10.37 13.73 14.23
N TYR D 155 9.57 14.67 14.75
CA TYR D 155 9.79 16.07 14.41
C TYR D 155 11.07 16.68 14.94
N GLU D 156 11.66 16.05 15.97
CA GLU D 156 12.92 16.55 16.53
C GLU D 156 14.01 16.55 15.47
N GLN D 157 13.92 15.61 14.52
CA GLN D 157 14.91 15.50 13.46
C GLN D 157 14.91 16.72 12.54
N LEU D 158 13.75 17.35 12.38
CA LEU D 158 13.63 18.54 11.53
C LEU D 158 13.81 19.81 12.35
N LEU D 159 13.13 19.90 13.48
CA LEU D 159 13.20 21.07 14.34
C LEU D 159 14.59 21.38 14.86
N SER D 160 15.38 20.34 15.15
CA SER D 160 16.73 20.54 15.67
C SER D 160 17.68 21.06 14.59
N ARG D 161 17.24 21.05 13.34
CA ARG D 161 18.08 21.49 12.23
C ARG D 161 17.72 22.89 11.72
N LEU D 162 16.61 23.43 12.19
CA LEU D 162 16.16 24.75 11.74
C LEU D 162 17.16 25.88 12.00
N GLU D 163 17.79 25.89 13.17
CA GLU D 163 18.73 26.94 13.51
C GLU D 163 19.85 27.07 12.49
N GLU D 164 20.37 25.94 12.02
CA GLU D 164 21.44 25.94 11.03
C GLU D 164 21.03 26.60 9.71
N ILE D 165 19.74 26.59 9.40
CA ILE D 165 19.27 27.21 8.17
C ILE D 165 18.34 28.40 8.47
N ALA D 166 18.58 29.07 9.60
CA ALA D 166 17.75 30.20 9.98
C ALA D 166 17.71 31.28 8.90
N GLU D 167 18.84 31.47 8.22
CA GLU D 167 18.92 32.47 7.18
C GLU D 167 18.16 32.08 5.91
N GLU D 168 17.33 32.98 5.44
CA GLU D 168 16.55 32.78 4.22
C GLU D 168 17.48 32.36 3.08
N GLY D 169 17.14 31.28 2.39
CA GLY D 169 17.95 30.82 1.29
C GLY D 169 19.01 29.80 1.65
N SER D 170 19.19 29.53 2.94
N SER D 170 19.16 29.53 2.95
CA SER D 170 20.19 28.57 3.36
CA SER D 170 20.15 28.57 3.43
C SER D 170 19.61 27.15 3.35
C SER D 170 19.60 27.14 3.36
N GLU D 171 20.50 26.17 3.32
CA GLU D 171 20.11 24.77 3.29
C GLU D 171 21.17 23.93 3.95
N THR D 172 20.80 22.71 4.31
CA THR D 172 21.71 21.80 4.96
C THR D 172 21.29 20.37 4.65
N GLN D 173 22.23 19.44 4.75
CA GLN D 173 21.95 18.03 4.50
C GLN D 173 21.63 17.37 5.85
N VAL D 174 20.56 16.59 5.89
CA VAL D 174 20.19 15.92 7.13
C VAL D 174 20.12 14.40 6.94
N PRO D 175 20.28 13.64 8.04
CA PRO D 175 20.23 12.18 7.95
C PRO D 175 18.88 11.68 7.46
N GLY D 176 18.88 10.52 6.84
CA GLY D 176 17.63 9.95 6.38
C GLY D 176 16.76 9.74 7.61
N LEU D 177 15.45 9.78 7.42
CA LEU D 177 14.51 9.60 8.53
C LEU D 177 13.27 8.88 8.06
N ASP D 178 12.47 8.41 9.01
CA ASP D 178 11.23 7.72 8.69
C ASP D 178 10.18 8.81 8.46
N ILE D 179 9.91 9.12 7.21
CA ILE D 179 8.96 10.16 6.83
C ILE D 179 7.54 9.84 7.31
N SER D 180 7.16 8.58 7.29
CA SER D 180 5.82 8.20 7.71
C SER D 180 5.59 8.43 9.21
N ALA D 181 6.68 8.50 9.98
CA ALA D 181 6.57 8.74 11.42
C ALA D 181 6.11 10.17 11.72
N LEU D 182 6.13 11.03 10.71
CA LEU D 182 5.71 12.41 10.86
C LEU D 182 4.19 12.51 10.68
N LEU D 183 3.58 11.41 10.27
CA LEU D 183 2.14 11.39 10.00
C LEU D 183 1.30 10.74 11.08
N PRO D 184 -0.01 11.04 11.09
CA PRO D 184 -0.96 10.51 12.07
C PRO D 184 -1.01 8.99 12.14
N SER D 185 -1.64 8.51 13.20
CA SER D 185 -1.79 7.08 13.47
C SER D 185 -2.68 6.30 12.51
N ASP D 186 -3.83 6.86 12.15
CA ASP D 186 -4.79 6.17 11.29
C ASP D 186 -4.81 6.71 9.86
N PHE D 187 -4.49 5.85 8.89
CA PHE D 187 -4.49 6.26 7.49
C PHE D 187 -5.85 6.04 6.83
N SER D 188 -6.83 5.59 7.61
CA SER D 188 -8.17 5.36 7.06
C SER D 188 -9.18 6.47 7.34
N ARG D 189 -8.84 7.42 8.22
CA ARG D 189 -9.75 8.52 8.56
C ARG D 189 -9.25 9.84 8.00
N TYR D 190 -9.93 10.33 6.97
CA TYR D 190 -9.50 11.58 6.37
C TYR D 190 -10.61 12.24 5.56
N PHE D 191 -10.40 13.52 5.24
CA PHE D 191 -11.32 14.30 4.42
C PHE D 191 -10.60 14.46 3.08
N GLN D 192 -11.35 14.63 2.01
CA GLN D 192 -10.74 14.79 0.71
C GLN D 192 -11.59 15.68 -0.17
N TYR D 193 -10.94 16.58 -0.91
CA TYR D 193 -11.66 17.49 -1.80
C TYR D 193 -10.64 17.97 -2.83
N GLU D 194 -11.13 18.63 -3.88
CA GLU D 194 -10.24 19.13 -4.91
C GLU D 194 -10.10 20.65 -4.81
N GLY D 195 -8.86 21.12 -4.87
CA GLY D 195 -8.60 22.55 -4.77
C GLY D 195 -7.37 23.00 -5.53
N SER D 196 -6.55 23.80 -4.88
CA SER D 196 -5.36 24.33 -5.53
C SER D 196 -4.15 24.36 -4.60
N LEU D 197 -3.02 24.82 -5.13
CA LEU D 197 -1.83 24.98 -4.33
C LEU D 197 -2.17 26.20 -3.46
N THR D 198 -1.62 26.27 -2.25
CA THR D 198 -1.92 27.39 -1.37
C THR D 198 -0.98 28.58 -1.54
N THR D 199 -0.08 28.49 -2.50
CA THR D 199 0.85 29.58 -2.80
C THR D 199 0.93 29.69 -4.31
N PRO D 200 1.32 30.87 -4.84
CA PRO D 200 1.42 31.04 -6.28
C PRO D 200 2.26 29.91 -6.87
N PRO D 201 1.93 29.42 -8.07
CA PRO D 201 0.87 29.83 -9.00
C PRO D 201 -0.57 29.44 -8.63
N CYS D 202 -0.76 28.85 -7.45
CA CYS D 202 -2.10 28.47 -7.00
C CYS D 202 -2.86 27.62 -8.04
N ALA D 203 -2.14 26.79 -8.79
CA ALA D 203 -2.77 25.96 -9.82
C ALA D 203 -3.86 25.07 -9.23
N GLN D 204 -4.97 24.94 -9.95
CA GLN D 204 -6.08 24.11 -9.48
C GLN D 204 -5.92 22.66 -9.91
N GLY D 205 -6.88 21.81 -9.55
CA GLY D 205 -6.79 20.41 -9.89
C GLY D 205 -6.02 19.58 -8.86
N VAL D 206 -5.68 20.20 -7.73
CA VAL D 206 -4.95 19.51 -6.68
C VAL D 206 -5.88 18.71 -5.78
N ILE D 207 -5.56 17.44 -5.57
CA ILE D 207 -6.39 16.62 -4.69
C ILE D 207 -5.83 16.74 -3.28
N TRP D 208 -6.64 17.31 -2.38
CA TRP D 208 -6.24 17.48 -1.00
C TRP D 208 -6.80 16.38 -0.11
N THR D 209 -5.95 15.77 0.69
CA THR D 209 -6.34 14.74 1.63
C THR D 209 -5.88 15.23 2.99
N VAL D 210 -6.83 15.48 3.89
CA VAL D 210 -6.53 15.99 5.22
C VAL D 210 -6.84 14.95 6.29
N PHE D 211 -5.81 14.49 7.00
CA PHE D 211 -6.00 13.49 8.05
C PHE D 211 -6.95 13.99 9.12
N ASN D 212 -7.81 13.10 9.59
CA ASN D 212 -8.75 13.45 10.63
C ASN D 212 -8.05 13.45 11.99
N GLN D 213 -7.00 12.64 12.13
CA GLN D 213 -6.25 12.59 13.37
C GLN D 213 -5.07 13.54 13.25
N THR D 214 -4.67 14.12 14.37
CA THR D 214 -3.57 15.07 14.39
C THR D 214 -2.32 14.42 14.97
N VAL D 215 -1.21 15.15 14.92
CA VAL D 215 0.03 14.66 15.50
C VAL D 215 0.38 15.69 16.56
N MET D 216 0.92 15.23 17.68
CA MET D 216 1.25 16.16 18.74
C MET D 216 2.72 16.52 18.88
N LEU D 217 2.95 17.79 19.15
CA LEU D 217 4.28 18.34 19.37
C LEU D 217 4.22 19.05 20.71
N SER D 218 5.34 19.17 21.42
CA SER D 218 5.33 19.86 22.70
C SER D 218 5.20 21.35 22.44
N ALA D 219 4.87 22.11 23.49
CA ALA D 219 4.75 23.56 23.36
C ALA D 219 6.09 24.12 22.88
N LYS D 220 7.17 23.58 23.42
CA LYS D 220 8.51 24.03 23.03
C LYS D 220 8.77 23.78 21.55
N GLN D 221 8.42 22.57 21.08
CA GLN D 221 8.64 22.23 19.67
C GLN D 221 7.86 23.18 18.77
N LEU D 222 6.63 23.50 19.15
CA LEU D 222 5.82 24.40 18.34
C LEU D 222 6.45 25.79 18.32
N HIS D 223 7.10 26.18 19.42
CA HIS D 223 7.77 27.47 19.47
C HIS D 223 9.00 27.42 18.56
N THR D 224 9.71 26.30 18.57
CA THR D 224 10.90 26.15 17.72
C THR D 224 10.50 26.25 16.24
N LEU D 225 9.40 25.61 15.88
CA LEU D 225 8.93 25.62 14.51
C LEU D 225 8.52 27.00 14.01
N SER D 226 7.91 27.80 14.88
CA SER D 226 7.43 29.12 14.47
C SER D 226 8.24 30.32 14.89
N ASP D 227 9.42 30.12 15.47
CA ASP D 227 10.21 31.26 15.91
C ASP D 227 11.71 31.15 15.64
N THR D 228 12.10 30.17 14.83
CA THR D 228 13.50 29.96 14.54
C THR D 228 14.00 30.49 13.20
N LEU D 229 13.26 30.20 12.14
CA LEU D 229 13.63 30.62 10.80
C LEU D 229 13.37 32.10 10.51
N TRP D 230 14.21 32.67 9.66
CA TRP D 230 14.06 34.06 9.26
C TRP D 230 13.67 34.10 7.79
N GLY D 231 12.93 35.13 7.40
CA GLY D 231 12.49 35.23 6.02
C GLY D 231 12.71 36.62 5.44
N PRO D 232 11.87 37.04 4.48
CA PRO D 232 11.99 38.35 3.84
C PRO D 232 11.89 39.50 4.85
N GLY D 233 12.50 40.63 4.50
CA GLY D 233 12.44 41.80 5.36
C GLY D 233 13.22 41.75 6.65
N ASP D 234 14.29 40.96 6.67
CA ASP D 234 15.12 40.84 7.85
C ASP D 234 14.31 40.64 9.13
N SER D 235 13.40 39.68 9.09
CA SER D 235 12.56 39.37 10.25
C SER D 235 12.26 37.88 10.25
N ARG D 236 11.73 37.38 11.36
CA ARG D 236 11.41 35.96 11.47
C ARG D 236 10.30 35.53 10.54
N LEU D 237 10.42 34.32 10.00
CA LEU D 237 9.43 33.76 9.09
C LEU D 237 8.28 33.24 9.94
N GLN D 238 7.16 33.95 9.93
CA GLN D 238 6.00 33.56 10.72
C GLN D 238 4.69 33.75 9.96
N LEU D 239 3.61 33.15 10.49
CA LEU D 239 2.29 33.28 9.88
C LEU D 239 2.33 32.99 8.40
N ASN D 240 3.10 31.97 8.00
CA ASN D 240 3.21 31.63 6.60
C ASN D 240 2.09 30.69 6.15
N PHE D 241 0.86 31.18 6.23
CA PHE D 241 -0.32 30.42 5.81
C PHE D 241 -1.29 31.35 5.08
N ARG D 242 -2.12 30.76 4.22
CA ARG D 242 -3.09 31.52 3.44
C ARG D 242 -4.46 31.47 4.13
N ALA D 243 -5.23 32.55 4.03
CA ALA D 243 -6.56 32.59 4.64
C ALA D 243 -7.43 31.54 3.94
N THR D 244 -8.38 30.96 4.68
CA THR D 244 -9.25 29.96 4.08
C THR D 244 -10.06 30.55 2.93
N GLN D 245 -10.31 29.71 1.93
CA GLN D 245 -11.04 30.09 0.74
C GLN D 245 -12.40 29.41 0.76
N PRO D 246 -13.43 30.05 0.20
CA PRO D 246 -14.77 29.45 0.19
C PRO D 246 -14.84 28.18 -0.65
N LEU D 247 -15.64 27.22 -0.20
CA LEU D 247 -15.83 25.97 -0.93
C LEU D 247 -16.50 26.25 -2.26
N ASN D 248 -17.34 27.27 -2.29
CA ASN D 248 -18.06 27.66 -3.50
C ASN D 248 -18.78 26.51 -4.20
N GLY D 249 -19.48 25.67 -3.42
CA GLY D 249 -20.21 24.58 -4.02
C GLY D 249 -19.55 23.21 -3.92
N ARG D 250 -18.24 23.19 -3.67
CA ARG D 250 -17.53 21.93 -3.55
C ARG D 250 -18.01 21.21 -2.30
N VAL D 251 -18.08 19.88 -2.37
CA VAL D 251 -18.48 19.09 -1.24
C VAL D 251 -17.29 18.27 -0.78
N ILE D 252 -16.88 18.47 0.47
CA ILE D 252 -15.75 17.73 1.02
C ILE D 252 -16.20 16.31 1.35
N GLU D 253 -15.41 15.32 0.97
CA GLU D 253 -15.75 13.94 1.27
C GLU D 253 -15.02 13.47 2.53
N ALA D 254 -15.64 12.53 3.24
CA ALA D 254 -15.07 11.96 4.46
C ALA D 254 -14.98 10.46 4.24
N SER D 255 -13.87 9.86 4.66
CA SER D 255 -13.67 8.42 4.50
C SER D 255 -14.29 7.62 5.64
N PHE D 256 -14.93 8.32 6.56
CA PHE D 256 -15.55 7.67 7.72
C PHE D 256 -16.94 8.25 7.96
N PRO D 257 -17.86 7.44 8.50
CA PRO D 257 -19.24 7.85 8.80
C PRO D 257 -19.34 8.82 9.97
#